data_4ZRM
#
_entry.id   4ZRM
#
_cell.length_a   82.542
_cell.length_b   150.262
_cell.length_c   60.606
_cell.angle_alpha   90.00
_cell.angle_beta   90.00
_cell.angle_gamma   90.00
#
_symmetry.space_group_name_H-M   'P 21 21 2'
#
loop_
_entity.id
_entity.type
_entity.pdbx_description
1 polymer 'UDP-glucose 4-epimerase'
2 non-polymer NICOTINAMIDE-ADENINE-DINUCLEOTIDE
3 non-polymer GLYCEROL
4 water water
#
_entity_poly.entity_id   1
_entity_poly.type   'polypeptide(L)'
_entity_poly.pdbx_seq_one_letter_code
;GSHMNILVTGGAGFIGSHVVDKLIENGYGVIVVDNLSSGKVENLNRNALFYEQSIEDEEMMERIFSLHRPEYVFHLAAQA
SVAISVREPARDAKTNIIGSLVLLEKSIKYGVKKFIFSSTGGAIYGENVKVFPTPETEIPHPISPYGIAKYSTEMYLEFF
AREYGLKYTVLRYANVYGPRQDPYGEAGVVAIFTERMLRGEEVHIFGDGEYVRDYVYVDDVVRANLLAMEKGDNEVFNIG
TGRGTTVNQLFKLLKEITGYDKEPVYKPPRKGDVRKSILDYTKAKEKLGWEPKVSLEEGLKLTVEYFRKTLE
;
_entity_poly.pdbx_strand_id   A,B
#
loop_
_chem_comp.id
_chem_comp.type
_chem_comp.name
_chem_comp.formula
GOL non-polymer GLYCEROL 'C3 H8 O3'
NAD non-polymer NICOTINAMIDE-ADENINE-DINUCLEOTIDE 'C21 H27 N7 O14 P2'
#
# COMPACT_ATOMS: atom_id res chain seq x y z
N MET A 4 -3.64 27.33 -19.71
CA MET A 4 -3.29 26.47 -18.57
C MET A 4 -2.95 25.05 -19.02
N ASN A 5 -1.82 24.51 -18.55
CA ASN A 5 -1.42 23.13 -18.88
C ASN A 5 -1.96 22.11 -17.88
N ILE A 6 -2.45 21.00 -18.39
CA ILE A 6 -3.01 19.94 -17.56
C ILE A 6 -2.36 18.64 -18.00
N LEU A 7 -1.93 17.82 -17.05
CA LEU A 7 -1.39 16.50 -17.37
C LEU A 7 -2.46 15.45 -17.14
N VAL A 8 -2.70 14.59 -18.14
CA VAL A 8 -3.60 13.46 -17.95
C VAL A 8 -2.81 12.18 -18.14
N THR A 9 -2.63 11.41 -17.08
CA THR A 9 -1.97 10.12 -17.25
C THR A 9 -3.04 9.13 -17.66
N GLY A 10 -2.66 8.13 -18.45
CA GLY A 10 -3.63 7.15 -18.88
C GLY A 10 -4.60 7.68 -19.92
N GLY A 11 -4.22 8.78 -20.56
CA GLY A 11 -5.10 9.45 -21.51
C GLY A 11 -5.35 8.72 -22.83
N ALA A 12 -4.68 7.60 -23.05
CA ALA A 12 -4.97 6.77 -24.23
C ALA A 12 -5.98 5.69 -23.88
N GLY A 13 -6.39 5.65 -22.61
CA GLY A 13 -7.28 4.60 -22.16
C GLY A 13 -8.75 4.96 -22.29
N PHE A 14 -9.61 4.11 -21.73
CA PHE A 14 -11.06 4.27 -21.82
C PHE A 14 -11.53 5.58 -21.17
N ILE A 15 -11.44 5.70 -19.86
CA ILE A 15 -11.93 6.91 -19.19
C ILE A 15 -11.04 8.11 -19.50
N GLY A 16 -9.73 7.87 -19.49
CA GLY A 16 -8.75 8.92 -19.74
C GLY A 16 -8.93 9.65 -21.07
N SER A 17 -9.22 8.90 -22.13
CA SER A 17 -9.38 9.56 -23.43
C SER A 17 -10.62 10.45 -23.48
N HIS A 18 -11.65 10.08 -22.74
CA HIS A 18 -12.84 10.93 -22.64
C HIS A 18 -12.53 12.20 -21.85
N VAL A 19 -11.72 12.07 -20.79
CA VAL A 19 -11.29 13.24 -20.02
C VAL A 19 -10.46 14.20 -20.88
N VAL A 20 -9.52 13.66 -21.64
CA VAL A 20 -8.73 14.46 -22.56
C VAL A 20 -9.63 15.22 -23.55
N ASP A 21 -10.58 14.51 -24.15
CA ASP A 21 -11.46 15.13 -25.14
C ASP A 21 -12.19 16.34 -24.56
N LYS A 22 -12.70 16.17 -23.35
CA LYS A 22 -13.48 17.21 -22.69
C LYS A 22 -12.61 18.42 -22.33
N LEU A 23 -11.39 18.16 -21.89
CA LEU A 23 -10.46 19.25 -21.54
C LEU A 23 -10.05 20.03 -22.78
N ILE A 24 -9.74 19.31 -23.87
CA ILE A 24 -9.39 19.95 -25.14
C ILE A 24 -10.54 20.83 -25.62
N GLU A 25 -11.75 20.29 -25.55
CA GLU A 25 -12.96 21.04 -25.90
C GLU A 25 -13.06 22.35 -25.13
N ASN A 26 -12.79 22.29 -23.84
CA ASN A 26 -12.91 23.47 -22.98
C ASN A 26 -11.72 24.43 -23.06
N GLY A 27 -10.80 24.16 -23.98
CA GLY A 27 -9.72 25.09 -24.29
C GLY A 27 -8.44 24.92 -23.49
N TYR A 28 -8.29 23.82 -22.76
CA TYR A 28 -7.06 23.61 -22.02
C TYR A 28 -5.95 23.04 -22.88
N GLY A 29 -4.71 23.32 -22.50
CA GLY A 29 -3.57 22.64 -23.09
C GLY A 29 -3.41 21.32 -22.35
N VAL A 30 -3.42 20.21 -23.08
CA VAL A 30 -3.35 18.90 -22.43
C VAL A 30 -2.12 18.14 -22.86
N ILE A 31 -1.42 17.59 -21.86
CA ILE A 31 -0.28 16.72 -22.09
C ILE A 31 -0.73 15.35 -21.61
N VAL A 32 -0.51 14.32 -22.44
CA VAL A 32 -0.89 12.95 -22.10
C VAL A 32 0.34 12.06 -21.93
N VAL A 33 0.39 11.30 -20.83
CA VAL A 33 1.41 10.30 -20.65
C VAL A 33 0.73 8.95 -20.62
N ASP A 34 1.13 8.03 -21.49
CA ASP A 34 0.51 6.72 -21.55
C ASP A 34 1.48 5.74 -22.21
N ASN A 35 1.67 4.57 -21.62
CA ASN A 35 2.65 3.63 -22.17
C ASN A 35 2.03 2.64 -23.15
N LEU A 36 0.73 2.84 -23.41
CA LEU A 36 -0.04 2.01 -24.36
C LEU A 36 -0.02 0.51 -24.00
N SER A 37 -0.02 0.21 -22.72
CA SER A 37 -0.08 -1.18 -22.28
C SER A 37 -1.50 -1.73 -22.49
N SER A 38 -2.51 -0.91 -22.20
CA SER A 38 -3.90 -1.26 -22.46
C SER A 38 -4.63 -0.16 -23.24
N GLY A 39 -4.04 1.03 -23.32
CA GLY A 39 -4.64 2.11 -24.11
C GLY A 39 -4.36 1.92 -25.59
N LYS A 40 -4.99 2.75 -26.42
CA LYS A 40 -4.98 2.56 -27.87
C LYS A 40 -4.60 3.87 -28.56
N VAL A 41 -3.78 3.76 -29.59
CA VAL A 41 -3.39 4.95 -30.35
C VAL A 41 -4.62 5.66 -30.93
N GLU A 42 -5.64 4.89 -31.31
CA GLU A 42 -6.87 5.47 -31.88
C GLU A 42 -7.64 6.34 -30.90
N ASN A 43 -7.40 6.16 -29.59
CA ASN A 43 -8.10 6.96 -28.58
C ASN A 43 -7.50 8.34 -28.39
N LEU A 44 -6.30 8.54 -28.90
CA LEU A 44 -5.57 9.79 -28.64
C LEU A 44 -6.17 10.95 -29.41
N ASN A 45 -6.20 12.10 -28.74
CA ASN A 45 -6.69 13.34 -29.33
C ASN A 45 -5.52 14.07 -30.02
N ARG A 46 -5.68 14.37 -31.30
CA ARG A 46 -4.59 14.96 -32.10
C ARG A 46 -4.15 16.33 -31.61
N ASN A 47 -4.98 16.95 -30.79
CA ASN A 47 -4.67 18.27 -30.25
C ASN A 47 -3.83 18.25 -28.98
N ALA A 48 -3.72 17.09 -28.34
CA ALA A 48 -2.97 16.97 -27.09
C ALA A 48 -1.55 16.52 -27.36
N LEU A 49 -0.60 16.97 -26.55
CA LEU A 49 0.79 16.56 -26.68
C LEU A 49 0.89 15.17 -26.07
N PHE A 50 1.50 14.22 -26.78
CA PHE A 50 1.52 12.84 -26.29
C PHE A 50 2.94 12.32 -26.04
N TYR A 51 3.15 11.76 -24.85
CA TYR A 51 4.40 11.09 -24.52
C TYR A 51 4.15 9.62 -24.28
N GLU A 52 4.74 8.78 -25.11
CA GLU A 52 4.58 7.34 -24.94
C GLU A 52 5.63 6.86 -23.95
N GLN A 53 5.32 7.00 -22.67
CA GLN A 53 6.27 6.74 -21.61
C GLN A 53 5.54 6.17 -20.41
N SER A 54 6.29 5.58 -19.50
CA SER A 54 5.70 5.00 -18.30
C SER A 54 5.79 5.94 -17.11
N ILE A 55 4.75 5.98 -16.27
CA ILE A 55 4.74 6.89 -15.13
C ILE A 55 5.77 6.47 -14.08
N GLU A 56 6.27 5.24 -14.17
CA GLU A 56 7.28 4.76 -13.24
C GLU A 56 8.69 5.23 -13.57
N ASP A 57 8.84 5.83 -14.75
CA ASP A 57 10.15 6.27 -15.25
C ASP A 57 10.47 7.63 -14.65
N GLU A 58 11.27 7.67 -13.58
CA GLU A 58 11.50 8.93 -12.86
C GLU A 58 12.17 10.00 -13.72
N GLU A 59 13.15 9.61 -14.52
CA GLU A 59 13.86 10.59 -15.33
C GLU A 59 12.96 11.19 -16.40
N MET A 60 12.09 10.38 -16.97
CA MET A 60 11.19 10.89 -18.01
C MET A 60 10.09 11.76 -17.42
N MET A 61 9.56 11.37 -16.27
CA MET A 61 8.57 12.21 -15.61
C MET A 61 9.18 13.52 -15.15
N GLU A 62 10.42 13.48 -14.70
CA GLU A 62 11.16 14.70 -14.36
C GLU A 62 11.18 15.65 -15.57
N ARG A 63 11.51 15.10 -16.72
CA ARG A 63 11.58 15.89 -17.94
C ARG A 63 10.23 16.51 -18.29
N ILE A 64 9.18 15.69 -18.29
CA ILE A 64 7.86 16.16 -18.68
C ILE A 64 7.33 17.24 -17.74
N PHE A 65 7.43 17.02 -16.43
CA PHE A 65 7.00 18.06 -15.49
C PHE A 65 7.84 19.35 -15.61
N SER A 66 9.14 19.21 -15.85
CA SER A 66 10.00 20.40 -15.89
C SER A 66 9.73 21.25 -17.12
N LEU A 67 9.37 20.60 -18.23
CA LEU A 67 9.03 21.33 -19.47
C LEU A 67 7.68 22.03 -19.40
N HIS A 68 6.68 21.38 -18.81
CA HIS A 68 5.31 21.84 -18.98
C HIS A 68 4.62 22.33 -17.71
N ARG A 69 5.22 22.03 -16.56
CA ARG A 69 4.73 22.49 -15.25
C ARG A 69 3.21 22.50 -15.11
N PRO A 70 2.58 21.33 -15.27
CA PRO A 70 1.11 21.27 -15.23
C PRO A 70 0.53 21.83 -13.93
N GLU A 71 -0.58 22.54 -14.03
CA GLU A 71 -1.25 23.07 -12.85
C GLU A 71 -2.15 22.03 -12.21
N TYR A 72 -2.68 21.13 -13.04
CA TYR A 72 -3.48 20.01 -12.56
C TYR A 72 -2.94 18.72 -13.13
N VAL A 73 -3.07 17.65 -12.35
CA VAL A 73 -2.78 16.30 -12.83
C VAL A 73 -4.03 15.47 -12.63
N PHE A 74 -4.53 14.89 -13.71
CA PHE A 74 -5.60 13.90 -13.63
C PHE A 74 -4.90 12.56 -13.77
N HIS A 75 -4.92 11.77 -12.71
CA HIS A 75 -4.14 10.54 -12.69
C HIS A 75 -5.04 9.34 -12.94
N LEU A 76 -5.11 8.90 -14.20
CA LEU A 76 -5.94 7.77 -14.57
C LEU A 76 -5.13 6.55 -14.97
N ALA A 77 -3.80 6.71 -15.13
CA ALA A 77 -2.99 5.58 -15.56
C ALA A 77 -2.94 4.52 -14.47
N ALA A 78 -3.24 3.29 -14.84
CA ALA A 78 -3.26 2.21 -13.87
C ALA A 78 -3.27 0.87 -14.57
N GLN A 79 -2.93 -0.18 -13.87
CA GLN A 79 -3.20 -1.53 -14.28
C GLN A 79 -4.59 -1.79 -13.67
N ALA A 80 -5.60 -1.78 -14.51
CA ALA A 80 -6.98 -1.71 -14.01
C ALA A 80 -7.80 -2.97 -14.20
N SER A 81 -7.13 -4.08 -14.49
CA SER A 81 -7.81 -5.38 -14.51
C SER A 81 -7.60 -6.09 -13.18
N VAL A 82 -8.66 -6.40 -12.45
CA VAL A 82 -8.51 -7.07 -11.17
C VAL A 82 -7.84 -8.43 -11.33
N ALA A 83 -8.23 -9.18 -12.35
CA ALA A 83 -7.67 -10.51 -12.56
C ALA A 83 -6.17 -10.48 -12.82
N ILE A 84 -5.70 -9.48 -13.57
CA ILE A 84 -4.27 -9.35 -13.82
C ILE A 84 -3.54 -9.01 -12.50
N SER A 85 -4.17 -8.19 -11.67
CA SER A 85 -3.53 -7.82 -10.39
C SER A 85 -3.35 -9.04 -9.49
N VAL A 86 -4.28 -9.98 -9.59
CA VAL A 86 -4.20 -11.21 -8.81
C VAL A 86 -3.07 -12.11 -9.29
N ARG A 87 -2.93 -12.24 -10.60
CA ARG A 87 -1.86 -13.05 -11.19
C ARG A 87 -0.48 -12.40 -11.04
N GLU A 88 -0.41 -11.08 -11.07
CA GLU A 88 0.87 -10.36 -11.03
C GLU A 88 0.84 -9.18 -10.04
N PRO A 89 0.80 -9.48 -8.74
CA PRO A 89 0.61 -8.40 -7.77
C PRO A 89 1.78 -7.43 -7.74
N ALA A 90 3.02 -7.92 -7.88
CA ALA A 90 4.16 -7.00 -7.83
C ALA A 90 4.16 -6.06 -9.03
N ARG A 91 3.87 -6.60 -10.21
CA ARG A 91 3.83 -5.74 -11.39
C ARG A 91 2.67 -4.73 -11.32
N ASP A 92 1.54 -5.16 -10.77
CA ASP A 92 0.39 -4.27 -10.59
C ASP A 92 0.77 -3.13 -9.67
N ALA A 93 1.45 -3.46 -8.57
CA ALA A 93 1.80 -2.45 -7.58
C ALA A 93 2.84 -1.46 -8.10
N LYS A 94 3.74 -1.93 -8.96
CA LYS A 94 4.73 -1.02 -9.55
C LYS A 94 4.04 0.09 -10.32
N THR A 95 3.03 -0.26 -11.10
CA THR A 95 2.25 0.76 -11.80
C THR A 95 1.37 1.54 -10.85
N ASN A 96 0.58 0.82 -10.05
CA ASN A 96 -0.46 1.46 -9.27
C ASN A 96 0.04 2.24 -8.06
N ILE A 97 1.07 1.74 -7.38
CA ILE A 97 1.61 2.48 -6.23
C ILE A 97 2.86 3.26 -6.58
N ILE A 98 3.87 2.58 -7.11
CA ILE A 98 5.14 3.27 -7.37
C ILE A 98 4.97 4.36 -8.44
N GLY A 99 4.25 4.05 -9.51
CA GLY A 99 4.00 5.05 -10.55
C GLY A 99 3.28 6.26 -9.97
N SER A 100 2.30 6.02 -9.10
CA SER A 100 1.61 7.14 -8.46
C SER A 100 2.55 8.00 -7.61
N LEU A 101 3.45 7.35 -6.89
CA LEU A 101 4.43 8.05 -6.05
C LEU A 101 5.43 8.87 -6.85
N VAL A 102 5.88 8.36 -7.99
CA VAL A 102 6.73 9.14 -8.87
C VAL A 102 6.03 10.43 -9.31
N LEU A 103 4.77 10.31 -9.72
CA LEU A 103 3.99 11.46 -10.15
C LEU A 103 3.80 12.44 -9.01
N LEU A 104 3.56 11.93 -7.81
CA LEU A 104 3.37 12.81 -6.65
C LEU A 104 4.66 13.54 -6.28
N GLU A 105 5.78 12.84 -6.34
CA GLU A 105 7.07 13.48 -6.05
C GLU A 105 7.36 14.62 -7.04
N LYS A 106 7.07 14.40 -8.31
CA LYS A 106 7.25 15.45 -9.32
C LYS A 106 6.23 16.57 -9.16
N SER A 107 5.01 16.21 -8.76
CA SER A 107 3.97 17.21 -8.53
C SER A 107 4.34 18.22 -7.45
N ILE A 108 4.97 17.72 -6.38
CA ILE A 108 5.47 18.59 -5.30
C ILE A 108 6.61 19.45 -5.81
N LYS A 109 7.54 18.83 -6.53
CA LYS A 109 8.74 19.51 -6.97
C LYS A 109 8.41 20.64 -7.96
N TYR A 110 7.38 20.43 -8.77
CA TYR A 110 7.07 21.39 -9.82
C TYR A 110 5.79 22.17 -9.57
N GLY A 111 5.31 22.13 -8.34
CA GLY A 111 4.23 23.01 -7.93
C GLY A 111 2.86 22.80 -8.56
N VAL A 112 2.52 21.55 -8.82
CA VAL A 112 1.15 21.22 -9.18
C VAL A 112 0.19 21.78 -8.12
N LYS A 113 -0.89 22.40 -8.56
CA LYS A 113 -1.89 22.97 -7.66
C LYS A 113 -2.81 21.91 -7.09
N LYS A 114 -3.27 21.00 -7.95
CA LYS A 114 -4.20 19.96 -7.50
C LYS A 114 -4.03 18.64 -8.27
N PHE A 115 -4.17 17.53 -7.56
CA PHE A 115 -3.97 16.19 -8.11
C PHE A 115 -5.30 15.44 -7.97
N ILE A 116 -5.87 15.02 -9.08
CA ILE A 116 -7.18 14.39 -9.05
C ILE A 116 -7.02 12.90 -9.39
N PHE A 117 -7.26 12.05 -8.41
CA PHE A 117 -6.91 10.63 -8.51
C PHE A 117 -8.13 9.75 -8.78
N SER A 118 -8.00 8.89 -9.78
CA SER A 118 -9.02 7.89 -10.06
C SER A 118 -8.78 6.65 -9.19
N SER A 119 -9.73 6.36 -8.31
CA SER A 119 -9.65 5.23 -7.41
C SER A 119 -10.88 4.36 -7.66
N THR A 120 -11.15 3.43 -6.75
CA THR A 120 -12.21 2.47 -7.00
C THR A 120 -13.12 2.38 -5.79
N GLY A 121 -14.42 2.28 -6.01
CA GLY A 121 -15.34 2.06 -4.93
C GLY A 121 -15.55 0.57 -4.70
N GLY A 122 -15.85 -0.14 -5.79
CA GLY A 122 -16.14 -1.56 -5.71
C GLY A 122 -15.03 -2.42 -5.13
N ALA A 123 -13.77 -2.10 -5.46
CA ALA A 123 -12.67 -2.94 -5.00
C ALA A 123 -12.07 -2.48 -3.68
N ILE A 124 -12.58 -1.41 -3.12
CA ILE A 124 -12.05 -0.84 -1.94
C ILE A 124 -12.85 -1.15 -0.61
N TYR A 125 -14.14 -1.22 -0.69
CA TYR A 125 -14.94 -1.39 0.53
C TYR A 125 -14.88 -2.81 1.09
N GLY A 126 -14.57 -3.78 0.23
CA GLY A 126 -14.39 -5.15 0.70
C GLY A 126 -15.64 -6.00 0.57
N GLU A 127 -15.62 -7.16 1.23
CA GLU A 127 -16.65 -8.16 0.98
C GLU A 127 -17.67 -8.31 2.11
N ASN A 128 -17.59 -7.46 3.13
CA ASN A 128 -18.49 -7.59 4.28
C ASN A 128 -19.22 -6.32 4.64
N VAL A 129 -19.51 -5.50 3.64
CA VAL A 129 -20.19 -4.23 3.87
C VAL A 129 -21.62 -4.50 4.34
N LYS A 130 -22.10 -3.71 5.29
CA LYS A 130 -23.48 -3.86 5.79
C LYS A 130 -24.40 -2.70 5.38
N VAL A 131 -23.79 -1.54 5.12
CA VAL A 131 -24.56 -0.35 4.74
C VAL A 131 -24.57 -0.14 3.22
N PHE A 132 -25.75 -0.21 2.61
CA PHE A 132 -25.96 0.05 1.19
C PHE A 132 -27.08 1.05 0.98
N PRO A 133 -26.92 2.03 0.06
CA PRO A 133 -25.70 2.34 -0.70
C PRO A 133 -24.59 2.75 0.26
N THR A 134 -23.35 2.50 -0.12
CA THR A 134 -22.24 2.61 0.82
C THR A 134 -21.63 4.00 0.80
N PRO A 135 -21.53 4.64 1.97
CA PRO A 135 -20.92 5.97 2.10
C PRO A 135 -19.40 5.91 2.31
N GLU A 136 -18.72 7.02 2.05
CA GLU A 136 -17.28 7.12 2.20
C GLU A 136 -16.78 6.97 3.64
N THR A 137 -17.70 6.93 4.60
CA THR A 137 -17.34 6.77 6.00
C THR A 137 -17.09 5.31 6.38
N GLU A 138 -17.48 4.40 5.52
CA GLU A 138 -17.19 2.99 5.73
C GLU A 138 -15.71 2.72 5.51
N ILE A 139 -15.07 2.06 6.48
CA ILE A 139 -13.62 1.82 6.42
C ILE A 139 -13.28 0.81 5.32
N PRO A 140 -12.25 1.12 4.50
CA PRO A 140 -11.90 0.18 3.43
C PRO A 140 -11.31 -1.12 3.94
N HIS A 141 -11.67 -2.22 3.28
CA HIS A 141 -11.04 -3.51 3.52
C HIS A 141 -10.83 -4.20 2.19
N PRO A 142 -9.93 -3.68 1.34
CA PRO A 142 -9.77 -4.29 0.01
C PRO A 142 -9.24 -5.73 0.08
N ILE A 143 -9.66 -6.57 -0.86
CA ILE A 143 -9.29 -7.98 -0.88
C ILE A 143 -8.48 -8.38 -2.11
N SER A 144 -8.37 -7.49 -3.10
CA SER A 144 -7.56 -7.78 -4.28
C SER A 144 -6.34 -6.88 -4.31
N PRO A 145 -5.28 -7.29 -5.02
CA PRO A 145 -4.10 -6.43 -5.08
C PRO A 145 -4.42 -5.07 -5.69
N TYR A 146 -5.29 -5.05 -6.69
CA TYR A 146 -5.73 -3.79 -7.29
C TYR A 146 -6.35 -2.87 -6.24
N GLY A 147 -7.30 -3.38 -5.45
CA GLY A 147 -7.94 -2.56 -4.43
C GLY A 147 -6.98 -2.11 -3.33
N ILE A 148 -6.09 -3.01 -2.91
CA ILE A 148 -5.08 -2.66 -1.92
C ILE A 148 -4.17 -1.55 -2.46
N ALA A 149 -3.75 -1.67 -3.70
CA ALA A 149 -2.91 -0.66 -4.34
C ALA A 149 -3.59 0.72 -4.38
N LYS A 150 -4.86 0.72 -4.77
CA LYS A 150 -5.62 1.98 -4.82
C LYS A 150 -5.77 2.61 -3.44
N TYR A 151 -6.07 1.80 -2.44
CA TYR A 151 -6.21 2.29 -1.07
C TYR A 151 -4.86 2.82 -0.58
N SER A 152 -3.79 2.08 -0.85
CA SER A 152 -2.46 2.52 -0.47
CA SER A 152 -2.45 2.50 -0.49
C SER A 152 -2.15 3.89 -1.05
N THR A 153 -2.46 4.08 -2.33
CA THR A 153 -2.20 5.34 -2.98
C THR A 153 -3.03 6.45 -2.35
N GLU A 154 -4.29 6.16 -1.99
CA GLU A 154 -5.11 7.17 -1.29
C GLU A 154 -4.43 7.62 0.02
N MET A 155 -3.83 6.69 0.73
CA MET A 155 -3.15 7.08 1.97
C MET A 155 -1.94 7.94 1.71
N TYR A 156 -1.20 7.63 0.63
CA TYR A 156 -0.04 8.42 0.27
C TYR A 156 -0.46 9.83 -0.11
N LEU A 157 -1.61 9.95 -0.75
CA LEU A 157 -2.11 11.28 -1.12
C LEU A 157 -2.32 12.15 0.11
N GLU A 158 -2.89 11.56 1.15
CA GLU A 158 -3.11 12.31 2.38
C GLU A 158 -1.78 12.72 3.00
N PHE A 159 -0.77 11.86 2.88
CA PHE A 159 0.58 12.23 3.34
C PHE A 159 1.12 13.42 2.57
N PHE A 160 1.02 13.40 1.24
CA PHE A 160 1.54 14.55 0.46
C PHE A 160 0.79 15.84 0.79
N ALA A 161 -0.49 15.73 1.08
CA ALA A 161 -1.27 16.90 1.50
C ALA A 161 -0.78 17.46 2.83
N ARG A 162 -0.59 16.58 3.81
CA ARG A 162 -0.13 16.98 5.14
C ARG A 162 1.29 17.52 5.11
N GLU A 163 2.19 16.84 4.40
CA GLU A 163 3.59 17.23 4.40
C GLU A 163 3.88 18.47 3.55
N TYR A 164 3.21 18.62 2.41
CA TYR A 164 3.56 19.67 1.45
C TYR A 164 2.45 20.65 1.13
N GLY A 165 1.22 20.31 1.49
CA GLY A 165 0.10 21.17 1.17
C GLY A 165 -0.44 20.95 -0.22
N LEU A 166 -0.09 19.82 -0.85
CA LEU A 166 -0.68 19.50 -2.14
C LEU A 166 -2.19 19.31 -1.97
N LYS A 167 -2.98 19.90 -2.85
CA LYS A 167 -4.43 19.68 -2.81
C LYS A 167 -4.73 18.44 -3.65
N TYR A 168 -5.70 17.65 -3.22
CA TYR A 168 -6.10 16.46 -4.00
C TYR A 168 -7.60 16.23 -3.90
N THR A 169 -8.11 15.44 -4.84
CA THR A 169 -9.44 14.89 -4.71
C THR A 169 -9.34 13.44 -5.15
N VAL A 170 -9.98 12.54 -4.41
CA VAL A 170 -10.03 11.16 -4.80
C VAL A 170 -11.43 10.85 -5.30
N LEU A 171 -11.53 10.28 -6.50
CA LEU A 171 -12.83 9.87 -7.02
C LEU A 171 -12.89 8.34 -7.06
N ARG A 172 -13.67 7.73 -6.17
CA ARG A 172 -13.87 6.27 -6.18
C ARG A 172 -15.00 5.90 -7.13
N TYR A 173 -14.68 5.50 -8.35
CA TYR A 173 -15.70 5.18 -9.33
C TYR A 173 -16.37 3.85 -9.01
N ALA A 174 -17.65 3.75 -9.36
CA ALA A 174 -18.33 2.48 -9.33
C ALA A 174 -17.96 1.72 -10.60
N ASN A 175 -18.85 0.89 -11.14
CA ASN A 175 -18.55 0.17 -12.38
C ASN A 175 -18.74 1.04 -13.62
N VAL A 176 -17.66 1.50 -14.24
CA VAL A 176 -17.75 2.46 -15.34
C VAL A 176 -17.83 1.79 -16.70
N TYR A 177 -18.82 2.17 -17.51
CA TYR A 177 -19.03 1.52 -18.80
C TYR A 177 -19.29 2.57 -19.88
N GLY A 178 -19.12 2.19 -21.14
CA GLY A 178 -19.48 3.06 -22.24
C GLY A 178 -18.55 2.92 -23.42
N PRO A 179 -18.73 3.79 -24.43
CA PRO A 179 -17.91 3.75 -25.65
C PRO A 179 -16.42 3.76 -25.34
N ARG A 180 -15.67 2.96 -26.09
CA ARG A 180 -14.21 2.81 -25.97
C ARG A 180 -13.75 1.88 -24.83
N GLN A 181 -14.65 1.33 -24.04
CA GLN A 181 -14.20 0.47 -22.97
C GLN A 181 -13.71 -0.86 -23.53
N ASP A 182 -12.75 -1.49 -22.85
CA ASP A 182 -12.31 -2.82 -23.25
C ASP A 182 -13.02 -3.84 -22.36
N PRO A 183 -12.76 -5.15 -22.56
CA PRO A 183 -13.52 -6.11 -21.75
C PRO A 183 -12.92 -6.47 -20.40
N TYR A 184 -11.87 -5.79 -19.96
CA TYR A 184 -11.11 -6.26 -18.80
C TYR A 184 -11.24 -5.44 -17.50
N GLY A 185 -11.84 -4.26 -17.57
CA GLY A 185 -11.93 -3.39 -16.41
C GLY A 185 -13.06 -3.77 -15.48
N GLU A 186 -13.34 -2.93 -14.47
CA GLU A 186 -14.34 -3.30 -13.48
C GLU A 186 -15.74 -3.53 -14.05
N ALA A 187 -16.09 -2.83 -15.13
CA ALA A 187 -17.35 -3.11 -15.83
C ALA A 187 -17.09 -3.74 -17.19
N GLY A 188 -16.02 -4.52 -17.28
CA GLY A 188 -15.69 -5.19 -18.53
C GLY A 188 -16.85 -6.03 -19.05
N VAL A 189 -17.66 -6.55 -18.13
CA VAL A 189 -18.83 -7.34 -18.50
C VAL A 189 -19.76 -6.64 -19.51
N VAL A 190 -19.84 -5.31 -19.45
CA VAL A 190 -20.72 -4.61 -20.39
C VAL A 190 -20.22 -4.84 -21.82
N ALA A 191 -18.92 -4.70 -22.02
CA ALA A 191 -18.33 -4.92 -23.32
C ALA A 191 -18.38 -6.39 -23.74
N ILE A 192 -18.13 -7.29 -22.79
CA ILE A 192 -18.16 -8.72 -23.10
C ILE A 192 -19.56 -9.10 -23.60
N PHE A 193 -20.57 -8.71 -22.83
CA PHE A 193 -21.96 -9.02 -23.21
C PHE A 193 -22.35 -8.38 -24.53
N THR A 194 -22.01 -7.10 -24.69
CA THR A 194 -22.39 -6.37 -25.90
C THR A 194 -21.77 -6.95 -27.17
N GLU A 195 -20.46 -7.20 -27.16
CA GLU A 195 -19.80 -7.73 -28.35
C GLU A 195 -20.27 -9.14 -28.71
N ARG A 196 -20.37 -10.00 -27.71
CA ARG A 196 -20.85 -11.35 -27.96
C ARG A 196 -22.29 -11.37 -28.47
N MET A 197 -23.15 -10.56 -27.87
CA MET A 197 -24.55 -10.54 -28.28
C MET A 197 -24.71 -10.04 -29.72
N LEU A 198 -23.97 -8.98 -30.05
CA LEU A 198 -24.00 -8.44 -31.41
C LEU A 198 -23.46 -9.45 -32.43
N ARG A 199 -22.55 -10.30 -32.01
CA ARG A 199 -22.03 -11.33 -32.90
C ARG A 199 -22.81 -12.66 -32.85
N GLY A 200 -23.81 -12.73 -31.99
CA GLY A 200 -24.59 -13.96 -31.84
C GLY A 200 -23.81 -15.11 -31.22
N GLU A 201 -22.78 -14.79 -30.47
CA GLU A 201 -21.95 -15.79 -29.83
C GLU A 201 -22.53 -16.16 -28.47
N GLU A 202 -22.03 -17.24 -27.89
CA GLU A 202 -22.45 -17.67 -26.57
C GLU A 202 -22.00 -16.68 -25.48
N VAL A 203 -22.86 -16.46 -24.49
CA VAL A 203 -22.54 -15.58 -23.36
C VAL A 203 -22.44 -16.37 -22.05
N HIS A 204 -21.36 -16.18 -21.30
CA HIS A 204 -21.17 -16.90 -20.03
C HIS A 204 -21.47 -15.99 -18.83
N ILE A 205 -22.17 -16.54 -17.85
CA ILE A 205 -22.37 -15.86 -16.56
C ILE A 205 -21.80 -16.73 -15.44
N PHE A 206 -21.06 -16.10 -14.52
CA PHE A 206 -20.38 -16.84 -13.46
C PHE A 206 -21.25 -16.96 -12.23
N GLY A 207 -21.16 -18.11 -11.57
CA GLY A 207 -21.99 -18.37 -10.41
C GLY A 207 -23.48 -18.31 -10.76
N ASP A 208 -24.27 -17.69 -9.88
CA ASP A 208 -25.72 -17.61 -10.08
C ASP A 208 -26.14 -16.31 -10.78
N GLY A 209 -25.16 -15.49 -11.13
CA GLY A 209 -25.44 -14.22 -11.80
C GLY A 209 -26.08 -13.18 -10.90
N GLU A 210 -26.16 -13.47 -9.60
CA GLU A 210 -26.84 -12.55 -8.68
C GLU A 210 -25.92 -11.49 -8.07
N TYR A 211 -24.69 -11.41 -8.58
CA TYR A 211 -23.75 -10.36 -8.14
C TYR A 211 -24.24 -8.97 -8.53
N VAL A 212 -24.28 -8.08 -7.55
CA VAL A 212 -24.84 -6.74 -7.74
C VAL A 212 -23.72 -5.70 -7.89
N ARG A 213 -23.84 -4.85 -8.91
CA ARG A 213 -22.89 -3.75 -9.13
C ARG A 213 -23.63 -2.46 -9.40
N ASP A 214 -22.90 -1.35 -9.36
CA ASP A 214 -23.43 -0.01 -9.56
C ASP A 214 -22.82 0.49 -10.87
N TYR A 215 -23.60 0.46 -11.95
CA TYR A 215 -23.08 0.83 -13.28
C TYR A 215 -23.23 2.32 -13.58
N VAL A 216 -22.10 2.99 -13.77
CA VAL A 216 -22.08 4.43 -13.99
C VAL A 216 -21.52 4.74 -15.38
N TYR A 217 -22.19 5.62 -16.12
CA TYR A 217 -21.81 5.89 -17.51
C TYR A 217 -20.56 6.79 -17.58
N VAL A 218 -19.69 6.52 -18.55
CA VAL A 218 -18.40 7.21 -18.64
C VAL A 218 -18.51 8.75 -18.71
N ASP A 219 -19.48 9.26 -19.46
CA ASP A 219 -19.68 10.72 -19.54
C ASP A 219 -19.92 11.35 -18.16
N ASP A 220 -20.66 10.67 -17.29
CA ASP A 220 -20.91 11.18 -15.95
C ASP A 220 -19.62 11.17 -15.10
N VAL A 221 -18.80 10.15 -15.29
CA VAL A 221 -17.51 10.09 -14.60
C VAL A 221 -16.62 11.23 -15.05
N VAL A 222 -16.64 11.52 -16.34
CA VAL A 222 -15.84 12.62 -16.86
C VAL A 222 -16.26 13.94 -16.21
N ARG A 223 -17.57 14.14 -16.09
CA ARG A 223 -18.06 15.37 -15.47
C ARG A 223 -17.59 15.48 -14.02
N ALA A 224 -17.54 14.36 -13.30
CA ALA A 224 -17.04 14.39 -11.93
C ALA A 224 -15.58 14.85 -11.89
N ASN A 225 -14.78 14.39 -12.84
CA ASN A 225 -13.39 14.82 -12.90
C ASN A 225 -13.27 16.33 -13.06
N LEU A 226 -14.07 16.89 -13.97
CA LEU A 226 -13.97 18.32 -14.22
C LEU A 226 -14.49 19.18 -13.05
N LEU A 227 -15.55 18.71 -12.39
CA LEU A 227 -16.05 19.40 -11.20
C LEU A 227 -15.03 19.37 -10.06
N ALA A 228 -14.20 18.33 -10.02
CA ALA A 228 -13.19 18.22 -8.98
C ALA A 228 -12.02 19.20 -9.15
N MET A 229 -11.99 19.93 -10.25
CA MET A 229 -10.92 20.90 -10.43
C MET A 229 -10.99 22.01 -9.39
N GLU A 230 -12.19 22.57 -9.19
CA GLU A 230 -12.34 23.71 -8.30
C GLU A 230 -13.14 23.42 -7.03
N LYS A 231 -13.63 22.19 -6.88
CA LYS A 231 -14.37 21.82 -5.67
C LYS A 231 -13.81 20.55 -5.05
N GLY A 232 -14.16 20.29 -3.78
CA GLY A 232 -13.83 19.03 -3.15
C GLY A 232 -12.38 18.87 -2.76
N ASP A 233 -11.72 19.96 -2.39
CA ASP A 233 -10.31 19.89 -1.99
C ASP A 233 -10.08 18.97 -0.80
N ASN A 234 -9.13 18.05 -0.96
CA ASN A 234 -8.72 17.10 0.07
C ASN A 234 -9.86 16.22 0.56
N GLU A 235 -10.73 15.82 -0.37
CA GLU A 235 -11.86 14.96 -0.07
C GLU A 235 -11.88 13.72 -0.94
N VAL A 236 -12.44 12.64 -0.40
CA VAL A 236 -12.68 11.39 -1.13
C VAL A 236 -14.18 11.32 -1.45
N PHE A 237 -14.51 11.06 -2.71
CA PHE A 237 -15.91 10.94 -3.15
C PHE A 237 -16.20 9.64 -3.86
N ASN A 238 -17.28 8.97 -3.46
CA ASN A 238 -17.88 7.93 -4.30
C ASN A 238 -18.48 8.56 -5.56
N ILE A 239 -18.18 7.99 -6.71
CA ILE A 239 -18.83 8.40 -7.96
C ILE A 239 -19.57 7.19 -8.53
N GLY A 240 -20.88 7.15 -8.28
CA GLY A 240 -21.71 6.04 -8.73
C GLY A 240 -23.16 6.50 -8.78
N THR A 241 -24.08 5.57 -8.99
CA THR A 241 -25.47 5.93 -9.19
C THR A 241 -26.36 5.62 -7.99
N GLY A 242 -25.86 4.82 -7.05
CA GLY A 242 -26.67 4.37 -5.93
C GLY A 242 -27.75 3.35 -6.31
N ARG A 243 -27.68 2.86 -7.53
CA ARG A 243 -28.62 1.86 -8.05
C ARG A 243 -27.88 0.56 -8.32
N GLY A 244 -28.38 -0.53 -7.73
CA GLY A 244 -27.76 -1.84 -7.90
C GLY A 244 -28.41 -2.65 -9.00
N THR A 245 -27.59 -3.32 -9.79
CA THR A 245 -28.05 -4.17 -10.90
C THR A 245 -27.29 -5.50 -10.84
N THR A 246 -28.01 -6.62 -10.90
CA THR A 246 -27.35 -7.93 -10.93
C THR A 246 -26.84 -8.24 -12.35
N VAL A 247 -25.90 -9.17 -12.46
CA VAL A 247 -25.43 -9.58 -13.78
C VAL A 247 -26.60 -10.12 -14.61
N ASN A 248 -27.50 -10.87 -13.98
CA ASN A 248 -28.68 -11.39 -14.67
C ASN A 248 -29.56 -10.26 -15.21
N GLN A 249 -29.74 -9.21 -14.43
CA GLN A 249 -30.49 -8.05 -14.89
C GLN A 249 -29.77 -7.34 -16.02
N LEU A 250 -28.45 -7.21 -15.92
CA LEU A 250 -27.68 -6.56 -16.99
C LEU A 250 -27.84 -7.33 -18.32
N PHE A 251 -27.72 -8.66 -18.23
CA PHE A 251 -27.87 -9.52 -19.38
C PHE A 251 -29.23 -9.28 -20.03
N LYS A 252 -30.27 -9.22 -19.21
CA LYS A 252 -31.62 -9.03 -19.69
C LYS A 252 -31.78 -7.70 -20.43
N LEU A 253 -31.23 -6.63 -19.87
CA LEU A 253 -31.30 -5.32 -20.51
C LEU A 253 -30.59 -5.29 -21.87
N LEU A 254 -29.37 -5.84 -21.93
CA LEU A 254 -28.62 -5.85 -23.17
C LEU A 254 -29.23 -6.79 -24.21
N LYS A 255 -29.85 -7.86 -23.74
CA LYS A 255 -30.55 -8.80 -24.62
C LYS A 255 -31.69 -8.09 -25.37
N GLU A 256 -32.49 -7.32 -24.65
CA GLU A 256 -33.59 -6.58 -25.27
C GLU A 256 -33.11 -5.49 -26.22
N ILE A 257 -32.03 -4.81 -25.84
CA ILE A 257 -31.50 -3.77 -26.71
C ILE A 257 -30.90 -4.34 -28.00
N THR A 258 -30.14 -5.43 -27.89
CA THR A 258 -29.45 -6.02 -29.05
C THR A 258 -30.33 -6.94 -29.89
N GLY A 259 -31.41 -7.46 -29.30
CA GLY A 259 -32.26 -8.41 -29.99
C GLY A 259 -31.75 -9.85 -29.93
N TYR A 260 -30.78 -10.08 -29.05
CA TYR A 260 -30.20 -11.41 -28.84
C TYR A 260 -31.29 -12.36 -28.34
N ASP A 261 -31.24 -13.62 -28.76
CA ASP A 261 -32.32 -14.56 -28.43
C ASP A 261 -31.84 -15.92 -27.92
N LYS A 262 -30.76 -15.93 -27.14
CA LYS A 262 -30.28 -17.16 -26.54
C LYS A 262 -30.18 -16.94 -25.04
N GLU A 263 -30.18 -18.02 -24.27
CA GLU A 263 -30.04 -17.92 -22.82
C GLU A 263 -28.54 -17.88 -22.46
N PRO A 264 -28.21 -17.35 -21.27
CA PRO A 264 -26.80 -17.39 -20.86
C PRO A 264 -26.41 -18.82 -20.51
N VAL A 265 -25.11 -19.10 -20.54
CA VAL A 265 -24.59 -20.37 -20.07
C VAL A 265 -23.92 -20.11 -18.72
N TYR A 266 -24.41 -20.76 -17.68
CA TYR A 266 -23.87 -20.54 -16.33
C TYR A 266 -22.63 -21.39 -16.05
N LYS A 267 -21.61 -20.73 -15.51
CA LYS A 267 -20.31 -21.33 -15.25
C LYS A 267 -20.00 -21.25 -13.75
N PRO A 268 -19.02 -22.03 -13.28
CA PRO A 268 -18.63 -21.95 -11.86
C PRO A 268 -18.19 -20.54 -11.47
N PRO A 269 -18.41 -20.16 -10.20
CA PRO A 269 -18.09 -18.80 -9.79
C PRO A 269 -16.59 -18.56 -9.78
N ARG A 270 -16.18 -17.32 -9.97
CA ARG A 270 -14.75 -17.02 -9.94
C ARG A 270 -14.35 -16.53 -8.57
N LYS A 271 -13.10 -16.78 -8.22
CA LYS A 271 -12.58 -16.41 -6.92
C LYS A 271 -12.60 -14.89 -6.80
N GLY A 272 -12.90 -14.38 -5.61
CA GLY A 272 -12.73 -12.95 -5.34
C GLY A 272 -13.87 -12.05 -5.80
N ASP A 273 -14.97 -12.63 -6.25
CA ASP A 273 -16.10 -11.87 -6.74
C ASP A 273 -16.96 -11.34 -5.58
N VAL A 274 -16.85 -10.05 -5.26
CA VAL A 274 -17.64 -9.43 -4.20
C VAL A 274 -19.14 -9.56 -4.52
N ARG A 275 -19.94 -9.92 -3.51
CA ARG A 275 -21.36 -10.25 -3.73
C ARG A 275 -22.18 -9.03 -4.15
N LYS A 276 -21.88 -7.88 -3.57
CA LYS A 276 -22.75 -6.71 -3.73
C LYS A 276 -21.98 -5.41 -3.54
N SER A 277 -22.11 -4.51 -4.53
CA SER A 277 -21.48 -3.19 -4.48
C SER A 277 -22.45 -2.13 -4.99
N ILE A 278 -22.78 -1.15 -4.15
CA ILE A 278 -23.65 -0.03 -4.54
C ILE A 278 -23.14 1.21 -3.80
N LEU A 279 -22.87 2.30 -4.52
CA LEU A 279 -22.25 3.46 -3.89
C LEU A 279 -23.24 4.58 -3.56
N ASP A 280 -23.05 5.23 -2.41
CA ASP A 280 -23.82 6.42 -2.04
C ASP A 280 -23.10 7.65 -2.58
N TYR A 281 -23.75 8.39 -3.48
CA TYR A 281 -23.10 9.59 -4.04
C TYR A 281 -23.56 10.90 -3.40
N THR A 282 -24.18 10.81 -2.21
CA THR A 282 -24.68 12.01 -1.54
C THR A 282 -23.61 13.07 -1.32
N LYS A 283 -22.43 12.63 -0.93
CA LYS A 283 -21.33 13.54 -0.67
C LYS A 283 -20.93 14.31 -1.93
N ALA A 284 -20.82 13.61 -3.06
CA ALA A 284 -20.48 14.25 -4.33
C ALA A 284 -21.57 15.22 -4.75
N LYS A 285 -22.80 14.85 -4.47
CA LYS A 285 -23.89 15.73 -4.80
C LYS A 285 -23.82 17.04 -4.01
N GLU A 286 -23.57 16.95 -2.74
CA GLU A 286 -23.51 18.09 -1.84
C GLU A 286 -22.27 18.97 -2.04
N LYS A 287 -21.12 18.35 -2.27
CA LYS A 287 -19.86 19.09 -2.34
C LYS A 287 -19.32 19.40 -3.73
N LEU A 288 -19.61 18.53 -4.70
CA LEU A 288 -19.15 18.75 -6.06
C LEU A 288 -20.26 19.30 -6.93
N GLY A 289 -21.50 19.17 -6.48
CA GLY A 289 -22.63 19.48 -7.34
C GLY A 289 -22.81 18.41 -8.40
N TRP A 290 -22.36 17.20 -8.11
CA TRP A 290 -22.40 16.13 -9.10
C TRP A 290 -23.57 15.16 -8.88
N GLU A 291 -24.25 14.84 -9.97
CA GLU A 291 -25.22 13.74 -10.00
C GLU A 291 -25.14 13.10 -11.37
N PRO A 292 -25.43 11.79 -11.47
CA PRO A 292 -25.40 11.17 -12.79
C PRO A 292 -26.55 11.67 -13.63
N LYS A 293 -26.30 11.93 -14.91
CA LYS A 293 -27.34 12.39 -15.83
C LYS A 293 -27.85 11.28 -16.74
N VAL A 294 -27.05 10.23 -16.92
CA VAL A 294 -27.38 9.18 -17.89
C VAL A 294 -27.88 7.93 -17.18
N SER A 295 -29.16 7.58 -17.39
CA SER A 295 -29.72 6.35 -16.81
C SER A 295 -29.04 5.12 -17.39
N LEU A 296 -29.09 4.00 -16.68
CA LEU A 296 -28.51 2.76 -17.20
C LEU A 296 -29.11 2.38 -18.55
N GLU A 297 -30.42 2.56 -18.68
CA GLU A 297 -31.09 2.29 -19.96
C GLU A 297 -30.51 3.12 -21.11
N GLU A 298 -30.34 4.42 -20.89
CA GLU A 298 -29.81 5.29 -21.94
C GLU A 298 -28.33 4.97 -22.21
N GLY A 299 -27.57 4.74 -21.15
CA GLY A 299 -26.15 4.48 -21.29
C GLY A 299 -25.88 3.21 -22.08
N LEU A 300 -26.64 2.16 -21.79
CA LEU A 300 -26.44 0.88 -22.49
C LEU A 300 -26.78 1.02 -23.98
N LYS A 301 -27.82 1.79 -24.30
CA LYS A 301 -28.14 2.03 -25.71
C LYS A 301 -27.02 2.77 -26.43
N LEU A 302 -26.41 3.75 -25.78
CA LEU A 302 -25.30 4.49 -26.39
C LEU A 302 -24.09 3.58 -26.55
N THR A 303 -23.90 2.70 -25.58
CA THR A 303 -22.77 1.77 -25.61
C THR A 303 -22.95 0.74 -26.74
N VAL A 304 -24.16 0.21 -26.87
CA VAL A 304 -24.44 -0.77 -27.92
C VAL A 304 -24.24 -0.11 -29.27
N GLU A 305 -24.67 1.14 -29.39
CA GLU A 305 -24.50 1.86 -30.64
C GLU A 305 -23.02 2.02 -31.04
N TYR A 306 -22.15 2.28 -30.06
CA TYR A 306 -20.71 2.37 -30.33
C TYR A 306 -20.16 1.06 -30.86
N PHE A 307 -20.53 -0.04 -30.22
CA PHE A 307 -20.00 -1.33 -30.65
C PHE A 307 -20.55 -1.77 -32.00
N ARG A 308 -21.80 -1.40 -32.30
CA ARG A 308 -22.37 -1.67 -33.63
C ARG A 308 -21.54 -1.03 -34.72
N LYS A 309 -21.19 0.23 -34.52
CA LYS A 309 -20.39 0.96 -35.50
C LYS A 309 -19.03 0.31 -35.68
N THR A 310 -18.47 -0.18 -34.58
CA THR A 310 -17.19 -0.89 -34.63
C THR A 310 -17.30 -2.16 -35.49
N LEU A 311 -18.50 -2.72 -35.59
CA LEU A 311 -18.72 -3.95 -36.37
C LEU A 311 -19.15 -3.69 -37.82
N HIS B 3 18.40 -30.96 8.07
CA HIS B 3 18.23 -29.60 8.60
C HIS B 3 17.29 -28.76 7.74
N MET B 4 16.18 -28.33 8.34
CA MET B 4 15.17 -27.53 7.66
C MET B 4 15.74 -26.19 7.20
N ASN B 5 15.43 -25.80 5.95
CA ASN B 5 15.88 -24.51 5.42
C ASN B 5 14.94 -23.34 5.77
N ILE B 6 15.53 -22.22 6.15
CA ILE B 6 14.77 -21.05 6.52
C ILE B 6 15.41 -19.86 5.82
N LEU B 7 14.57 -18.95 5.30
CA LEU B 7 15.08 -17.75 4.66
C LEU B 7 14.85 -16.58 5.60
N VAL B 8 15.91 -15.82 5.88
CA VAL B 8 15.76 -14.58 6.65
C VAL B 8 16.19 -13.43 5.76
N THR B 9 15.27 -12.55 5.42
CA THR B 9 15.65 -11.35 4.68
C THR B 9 16.04 -10.29 5.69
N GLY B 10 16.99 -9.43 5.34
CA GLY B 10 17.42 -8.39 6.25
C GLY B 10 18.32 -8.95 7.33
N GLY B 11 18.87 -10.14 7.09
CA GLY B 11 19.65 -10.86 8.07
C GLY B 11 21.00 -10.28 8.41
N ALA B 12 21.41 -9.23 7.71
CA ALA B 12 22.64 -8.52 8.07
C ALA B 12 22.32 -7.26 8.88
N GLY B 13 21.05 -7.05 9.18
CA GLY B 13 20.62 -5.84 9.88
C GLY B 13 20.54 -6.08 11.37
N PHE B 14 20.04 -5.08 12.09
CA PHE B 14 19.99 -5.09 13.55
C PHE B 14 19.16 -6.27 14.06
N ILE B 15 17.87 -6.25 13.83
CA ILE B 15 17.03 -7.31 14.39
C ILE B 15 17.27 -8.63 13.67
N GLY B 16 17.36 -8.57 12.34
CA GLY B 16 17.52 -9.77 11.53
C GLY B 16 18.74 -10.60 11.90
N SER B 17 19.85 -9.94 12.19
CA SER B 17 21.06 -10.69 12.53
C SER B 17 20.88 -11.49 13.82
N HIS B 18 20.11 -10.95 14.76
CA HIS B 18 19.81 -11.68 16.00
C HIS B 18 18.87 -12.85 15.77
N VAL B 19 17.90 -12.67 14.86
CA VAL B 19 17.02 -13.77 14.47
C VAL B 19 17.84 -14.89 13.83
N VAL B 20 18.73 -14.54 12.93
CA VAL B 20 19.60 -15.55 12.32
C VAL B 20 20.39 -16.31 13.39
N ASP B 21 21.04 -15.58 14.30
CA ASP B 21 21.84 -16.23 15.35
C ASP B 21 21.02 -17.26 16.11
N LYS B 22 19.79 -16.91 16.45
CA LYS B 22 18.94 -17.80 17.25
C LYS B 22 18.51 -19.04 16.47
N LEU B 23 18.22 -18.85 15.18
CA LEU B 23 17.82 -19.99 14.33
C LEU B 23 19.01 -20.95 14.14
N ILE B 24 20.19 -20.39 13.92
CA ILE B 24 21.39 -21.22 13.74
C ILE B 24 21.65 -22.02 15.03
N GLU B 25 21.51 -21.33 16.16
CA GLU B 25 21.73 -21.92 17.48
C GLU B 25 20.75 -23.07 17.72
N ASN B 26 19.55 -22.96 17.17
CA ASN B 26 18.54 -23.99 17.31
C ASN B 26 18.63 -25.10 16.26
N GLY B 27 19.63 -25.03 15.39
CA GLY B 27 19.90 -26.12 14.48
C GLY B 27 19.29 -26.01 13.08
N TYR B 28 18.78 -24.84 12.73
CA TYR B 28 18.22 -24.67 11.39
C TYR B 28 19.30 -24.30 10.38
N GLY B 29 19.07 -24.66 9.11
CA GLY B 29 19.87 -24.17 8.01
C GLY B 29 19.28 -22.83 7.61
N VAL B 30 20.10 -21.80 7.60
CA VAL B 30 19.59 -20.47 7.33
C VAL B 30 20.20 -19.88 6.07
N ILE B 31 19.34 -19.35 5.20
CA ILE B 31 19.78 -18.56 4.06
C ILE B 31 19.46 -17.10 4.36
N VAL B 32 20.42 -16.21 4.11
CA VAL B 32 20.19 -14.78 4.33
C VAL B 32 20.21 -14.02 3.02
N VAL B 33 19.23 -13.16 2.82
CA VAL B 33 19.24 -12.24 1.68
C VAL B 33 19.29 -10.84 2.24
N ASP B 34 20.32 -10.08 1.86
CA ASP B 34 20.49 -8.71 2.34
C ASP B 34 21.36 -7.93 1.38
N ASN B 35 20.93 -6.72 1.01
CA ASN B 35 21.70 -5.94 0.04
C ASN B 35 22.67 -4.96 0.69
N LEU B 36 22.78 -5.06 2.02
CA LEU B 36 23.70 -4.24 2.81
C LEU B 36 23.51 -2.75 2.56
N SER B 37 22.29 -2.34 2.28
CA SER B 37 21.97 -0.91 2.17
C SER B 37 22.04 -0.24 3.55
N SER B 38 21.62 -0.94 4.59
CA SER B 38 21.76 -0.43 5.97
C SER B 38 22.37 -1.48 6.89
N GLY B 39 22.41 -2.73 6.45
CA GLY B 39 23.04 -3.80 7.21
C GLY B 39 24.55 -3.80 7.05
N LYS B 40 25.24 -4.65 7.82
CA LYS B 40 26.70 -4.66 7.85
C LYS B 40 27.24 -6.07 7.77
N VAL B 41 28.34 -6.26 7.03
CA VAL B 41 28.92 -7.59 6.95
C VAL B 41 29.31 -8.11 8.34
N GLU B 42 29.74 -7.22 9.24
CA GLU B 42 30.12 -7.67 10.58
C GLU B 42 28.96 -8.25 11.41
N ASN B 43 27.72 -7.94 11.03
CA ASN B 43 26.54 -8.52 11.70
C ASN B 43 26.21 -9.93 11.23
N LEU B 44 26.74 -10.31 10.06
CA LEU B 44 26.39 -11.59 9.44
C LEU B 44 26.92 -12.80 10.18
N ASN B 45 26.04 -13.76 10.42
CA ASN B 45 26.44 -15.03 11.00
C ASN B 45 27.11 -15.86 9.90
N ARG B 46 28.36 -16.23 10.11
CA ARG B 46 29.12 -16.96 9.11
C ARG B 46 28.61 -18.37 8.79
N ASN B 47 27.74 -18.90 9.62
CA ASN B 47 27.14 -20.23 9.40
C ASN B 47 25.92 -20.20 8.46
N ALA B 48 25.44 -19.00 8.16
CA ALA B 48 24.33 -18.86 7.22
C ALA B 48 24.85 -18.77 5.81
N LEU B 49 24.06 -19.24 4.84
CA LEU B 49 24.39 -19.00 3.43
C LEU B 49 23.92 -17.60 3.03
N PHE B 50 24.84 -16.74 2.64
CA PHE B 50 24.53 -15.33 2.40
C PHE B 50 24.48 -14.95 0.92
N TYR B 51 23.34 -14.43 0.46
CA TYR B 51 23.26 -13.83 -0.87
C TYR B 51 23.18 -12.31 -0.76
N GLU B 52 24.15 -11.59 -1.30
CA GLU B 52 24.09 -10.13 -1.26
C GLU B 52 23.23 -9.65 -2.42
N GLN B 53 21.92 -9.65 -2.19
CA GLN B 53 20.98 -9.42 -3.29
C GLN B 53 19.82 -8.61 -2.76
N SER B 54 19.04 -8.05 -3.69
CA SER B 54 17.86 -7.28 -3.32
C SER B 54 16.58 -8.11 -3.43
N ILE B 55 15.71 -7.97 -2.44
CA ILE B 55 14.46 -8.71 -2.43
C ILE B 55 13.54 -8.30 -3.58
N GLU B 56 13.79 -7.15 -4.19
CA GLU B 56 12.99 -6.69 -5.35
C GLU B 56 13.37 -7.37 -6.67
N ASP B 57 14.51 -8.04 -6.67
CA ASP B 57 15.06 -8.65 -7.89
C ASP B 57 14.35 -9.96 -8.15
N GLU B 58 13.31 -9.91 -8.97
CA GLU B 58 12.51 -11.10 -9.22
C GLU B 58 13.32 -12.31 -9.74
N GLU B 59 14.22 -12.07 -10.69
CA GLU B 59 14.95 -13.21 -11.25
C GLU B 59 15.85 -13.86 -10.22
N MET B 60 16.50 -13.05 -9.38
CA MET B 60 17.37 -13.58 -8.34
C MET B 60 16.58 -14.28 -7.23
N MET B 61 15.44 -13.72 -6.82
CA MET B 61 14.62 -14.38 -5.80
C MET B 61 14.05 -15.70 -6.33
N GLU B 62 13.71 -15.73 -7.62
CA GLU B 62 13.29 -17.00 -8.24
C GLU B 62 14.36 -18.07 -8.07
N ARG B 63 15.63 -17.72 -8.32
CA ARG B 63 16.71 -18.69 -8.19
C ARG B 63 16.88 -19.19 -6.77
N ILE B 64 16.83 -18.26 -5.82
CA ILE B 64 17.04 -18.61 -4.41
C ILE B 64 15.93 -19.52 -3.88
N PHE B 65 14.68 -19.16 -4.14
CA PHE B 65 13.56 -19.99 -3.65
C PHE B 65 13.54 -21.34 -4.36
N SER B 66 13.82 -21.34 -5.65
CA SER B 66 13.79 -22.57 -6.45
C SER B 66 14.83 -23.58 -5.98
N LEU B 67 16.01 -23.09 -5.63
CA LEU B 67 17.11 -23.95 -5.20
C LEU B 67 16.91 -24.44 -3.76
N HIS B 68 16.52 -23.54 -2.86
CA HIS B 68 16.53 -23.86 -1.42
C HIS B 68 15.17 -24.23 -0.82
N ARG B 69 14.09 -23.89 -1.52
CA ARG B 69 12.71 -24.11 -1.06
C ARG B 69 12.54 -23.93 0.44
N PRO B 70 12.74 -22.70 0.94
CA PRO B 70 12.65 -22.49 2.38
C PRO B 70 11.28 -22.83 2.88
N GLU B 71 11.22 -23.41 4.08
CA GLU B 71 9.94 -23.77 4.69
C GLU B 71 9.32 -22.59 5.43
N TYR B 72 10.16 -21.71 5.95
CA TYR B 72 9.73 -20.50 6.62
C TYR B 72 10.47 -19.31 6.03
N VAL B 73 9.80 -18.16 5.99
CA VAL B 73 10.44 -16.92 5.62
C VAL B 73 10.24 -15.94 6.77
N PHE B 74 11.33 -15.41 7.29
CA PHE B 74 11.27 -14.31 8.25
C PHE B 74 11.65 -13.07 7.47
N HIS B 75 10.71 -12.16 7.31
CA HIS B 75 10.92 -11.03 6.41
C HIS B 75 11.20 -9.77 7.21
N LEU B 76 12.48 -9.45 7.35
CA LEU B 76 12.90 -8.29 8.11
C LEU B 76 13.50 -7.21 7.24
N ALA B 77 13.79 -7.51 5.98
CA ALA B 77 14.40 -6.52 5.10
C ALA B 77 13.44 -5.35 4.89
N ALA B 78 13.93 -4.14 5.10
CA ALA B 78 13.07 -2.99 4.95
C ALA B 78 13.92 -1.75 4.86
N GLN B 79 13.33 -0.68 4.33
CA GLN B 79 13.85 0.66 4.53
C GLN B 79 13.17 1.10 5.83
N ALA B 80 13.93 1.22 6.91
CA ALA B 80 13.28 1.37 8.21
C ALA B 80 13.59 2.67 8.92
N SER B 81 14.07 3.66 8.17
CA SER B 81 14.17 5.01 8.71
C SER B 81 12.93 5.81 8.33
N VAL B 82 12.15 6.25 9.32
CA VAL B 82 10.97 7.05 9.03
C VAL B 82 11.34 8.33 8.29
N ALA B 83 12.42 8.98 8.73
CA ALA B 83 12.88 10.22 8.07
C ALA B 83 13.24 10.02 6.60
N ILE B 84 13.92 8.92 6.29
CA ILE B 84 14.24 8.65 4.89
C ILE B 84 12.96 8.43 4.07
N SER B 85 11.98 7.76 4.68
CA SER B 85 10.73 7.46 3.96
C SER B 85 10.00 8.75 3.59
N VAL B 86 10.04 9.74 4.46
CA VAL B 86 9.41 11.04 4.19
C VAL B 86 10.08 11.75 3.01
N ARG B 87 11.41 11.73 2.98
CA ARG B 87 12.16 12.36 1.89
C ARG B 87 12.11 11.60 0.56
N GLU B 88 12.02 10.27 0.63
CA GLU B 88 12.03 9.44 -0.58
C GLU B 88 10.96 8.36 -0.54
N PRO B 89 9.69 8.77 -0.66
CA PRO B 89 8.61 7.80 -0.50
C PRO B 89 8.60 6.73 -1.60
N ALA B 90 8.92 7.08 -2.85
CA ALA B 90 8.88 6.07 -3.91
C ALA B 90 9.96 5.02 -3.71
N ARG B 91 11.13 5.45 -3.29
CA ARG B 91 12.22 4.52 -3.00
C ARG B 91 11.88 3.62 -1.80
N ASP B 92 11.27 4.21 -0.77
CA ASP B 92 10.87 3.45 0.43
C ASP B 92 9.85 2.38 0.03
N ALA B 93 8.87 2.77 -0.78
CA ALA B 93 7.82 1.84 -1.21
C ALA B 93 8.36 0.70 -2.09
N LYS B 94 9.40 0.97 -2.88
CA LYS B 94 9.96 -0.10 -3.71
C LYS B 94 10.54 -1.22 -2.84
N THR B 95 11.26 -0.86 -1.79
CA THR B 95 11.78 -1.88 -0.89
C THR B 95 10.67 -2.48 -0.04
N ASN B 96 9.86 -1.62 0.57
CA ASN B 96 8.91 -2.06 1.57
C ASN B 96 7.71 -2.81 1.00
N ILE B 97 7.13 -2.28 -0.07
CA ILE B 97 5.97 -2.94 -0.67
C ILE B 97 6.37 -3.88 -1.81
N ILE B 98 7.03 -3.35 -2.83
CA ILE B 98 7.34 -4.19 -3.99
C ILE B 98 8.24 -5.37 -3.59
N GLY B 99 9.25 -5.09 -2.76
CA GLY B 99 10.12 -6.15 -2.26
C GLY B 99 9.33 -7.23 -1.55
N SER B 100 8.39 -6.84 -0.70
CA SER B 100 7.59 -7.83 0.02
C SER B 100 6.76 -8.66 -0.96
N LEU B 101 6.22 -8.00 -1.98
CA LEU B 101 5.39 -8.67 -2.98
C LEU B 101 6.19 -9.68 -3.79
N VAL B 102 7.43 -9.33 -4.14
CA VAL B 102 8.28 -10.31 -4.82
C VAL B 102 8.51 -11.56 -3.96
N LEU B 103 8.82 -11.35 -2.69
CA LEU B 103 9.01 -12.49 -1.78
C LEU B 103 7.75 -13.33 -1.66
N LEU B 104 6.59 -12.67 -1.61
CA LEU B 104 5.34 -13.40 -1.42
C LEU B 104 4.97 -14.21 -2.65
N GLU B 105 5.19 -13.63 -3.83
CA GLU B 105 4.96 -14.36 -5.07
C GLU B 105 5.81 -15.62 -5.12
N LYS B 106 7.08 -15.52 -4.74
CA LYS B 106 7.94 -16.70 -4.75
C LYS B 106 7.54 -17.68 -3.65
N SER B 107 7.08 -17.17 -2.52
CA SER B 107 6.68 -18.02 -1.39
C SER B 107 5.52 -18.93 -1.75
N ILE B 108 4.58 -18.37 -2.51
CA ILE B 108 3.42 -19.13 -3.01
C ILE B 108 3.85 -20.17 -4.04
N LYS B 109 4.73 -19.78 -4.93
CA LYS B 109 5.17 -20.65 -6.02
C LYS B 109 5.95 -21.86 -5.48
N TYR B 110 6.75 -21.63 -4.45
CA TYR B 110 7.64 -22.69 -3.98
C TYR B 110 7.29 -23.33 -2.65
N GLY B 111 6.04 -23.15 -2.23
CA GLY B 111 5.49 -23.88 -1.11
C GLY B 111 5.98 -23.53 0.29
N VAL B 112 6.35 -22.27 0.52
CA VAL B 112 6.62 -21.80 1.87
C VAL B 112 5.44 -22.11 2.79
N LYS B 113 5.70 -22.61 3.99
CA LYS B 113 4.64 -22.94 4.95
C LYS B 113 4.14 -21.75 5.73
N LYS B 114 5.07 -20.88 6.13
CA LYS B 114 4.66 -19.72 6.92
C LYS B 114 5.60 -18.54 6.68
N PHE B 115 5.01 -17.35 6.60
CA PHE B 115 5.73 -16.11 6.32
C PHE B 115 5.57 -15.22 7.55
N ILE B 116 6.67 -14.90 8.22
CA ILE B 116 6.61 -14.07 9.44
C ILE B 116 7.15 -12.67 9.15
N PHE B 117 6.25 -11.68 9.23
CA PHE B 117 6.54 -10.33 8.75
C PHE B 117 6.77 -9.35 9.89
N SER B 118 7.89 -8.62 9.82
CA SER B 118 8.18 -7.57 10.78
C SER B 118 7.46 -6.29 10.36
N SER B 119 6.53 -5.84 11.19
CA SER B 119 5.82 -4.61 10.93
C SER B 119 6.06 -3.64 12.07
N THR B 120 5.24 -2.60 12.15
CA THR B 120 5.48 -1.51 13.10
C THR B 120 4.19 -1.13 13.84
N GLY B 121 4.29 -0.99 15.16
CA GLY B 121 3.15 -0.54 15.93
C GLY B 121 3.09 0.97 15.88
N GLY B 122 4.19 1.61 16.27
CA GLY B 122 4.27 3.07 16.38
C GLY B 122 3.89 3.85 15.12
N ALA B 123 4.35 3.41 13.96
CA ALA B 123 4.08 4.14 12.74
C ALA B 123 2.75 3.76 12.11
N ILE B 124 2.09 2.73 12.64
CA ILE B 124 0.82 2.32 12.07
C ILE B 124 -0.40 2.95 12.75
N TYR B 125 -0.36 3.11 14.07
CA TYR B 125 -1.55 3.61 14.79
C TYR B 125 -1.74 5.11 14.60
N GLY B 126 -0.66 5.81 14.26
CA GLY B 126 -0.78 7.20 13.89
C GLY B 126 -0.75 8.16 15.07
N GLU B 127 -1.34 9.33 14.88
CA GLU B 127 -1.10 10.46 15.77
C GLU B 127 -2.23 10.82 16.73
N ASN B 128 -3.40 10.19 16.59
CA ASN B 128 -4.54 10.58 17.41
C ASN B 128 -5.10 9.48 18.31
N VAL B 129 -4.24 8.55 18.69
CA VAL B 129 -4.65 7.45 19.54
C VAL B 129 -5.06 7.99 20.91
N LYS B 130 -6.13 7.44 21.45
CA LYS B 130 -6.62 7.84 22.77
C LYS B 130 -6.45 6.76 23.83
N VAL B 131 -6.46 5.50 23.40
CA VAL B 131 -6.39 4.34 24.31
C VAL B 131 -4.96 3.84 24.43
N PHE B 132 -4.41 3.85 25.65
CA PHE B 132 -3.07 3.31 25.90
C PHE B 132 -3.13 2.40 27.11
N PRO B 133 -2.40 1.27 27.09
CA PRO B 133 -1.61 0.72 25.97
C PRO B 133 -2.54 0.35 24.82
N THR B 134 -2.05 0.46 23.59
CA THR B 134 -2.91 0.41 22.40
C THR B 134 -3.06 -1.00 21.86
N PRO B 135 -4.31 -1.50 21.74
CA PRO B 135 -4.56 -2.85 21.23
C PRO B 135 -4.61 -2.93 19.71
N GLU B 136 -4.50 -4.14 19.16
CA GLU B 136 -4.52 -4.33 17.71
C GLU B 136 -5.86 -3.94 17.08
N THR B 137 -6.89 -3.80 17.89
CA THR B 137 -8.21 -3.45 17.36
C THR B 137 -8.30 -1.98 16.98
N GLU B 138 -7.28 -1.20 17.36
CA GLU B 138 -7.21 0.22 17.02
C GLU B 138 -7.07 0.38 15.51
N ILE B 139 -7.91 1.22 14.92
CA ILE B 139 -7.87 1.42 13.46
C ILE B 139 -6.58 2.12 13.05
N PRO B 140 -5.83 1.52 12.11
CA PRO B 140 -4.57 2.14 11.67
C PRO B 140 -4.80 3.49 11.00
N HIS B 141 -3.96 4.49 11.29
CA HIS B 141 -3.95 5.74 10.52
C HIS B 141 -2.51 6.19 10.34
N PRO B 142 -1.75 5.51 9.49
CA PRO B 142 -0.33 5.88 9.37
C PRO B 142 -0.14 7.27 8.75
N ILE B 143 0.84 8.03 9.23
CA ILE B 143 1.09 9.38 8.72
C ILE B 143 2.42 9.53 8.00
N SER B 144 3.25 8.49 8.02
CA SER B 144 4.52 8.52 7.29
C SER B 144 4.50 7.47 6.17
N PRO B 145 5.29 7.69 5.11
CA PRO B 145 5.33 6.69 4.03
C PRO B 145 5.73 5.30 4.55
N TYR B 146 6.61 5.26 5.55
CA TYR B 146 7.03 3.99 6.13
C TYR B 146 5.85 3.25 6.74
N GLY B 147 5.05 3.97 7.52
CA GLY B 147 3.87 3.38 8.14
C GLY B 147 2.84 2.95 7.11
N ILE B 148 2.64 3.78 6.10
CA ILE B 148 1.71 3.42 5.03
C ILE B 148 2.19 2.16 4.30
N ALA B 149 3.48 2.09 4.00
CA ALA B 149 4.03 0.92 3.30
C ALA B 149 3.87 -0.34 4.13
N LYS B 150 4.14 -0.25 5.43
CA LYS B 150 3.98 -1.43 6.29
C LYS B 150 2.53 -1.91 6.34
N TYR B 151 1.61 -0.97 6.50
CA TYR B 151 0.19 -1.31 6.53
C TYR B 151 -0.25 -1.90 5.19
N SER B 152 0.22 -1.32 4.09
CA SER B 152 -0.12 -1.87 2.77
C SER B 152 0.34 -3.32 2.64
N THR B 153 1.57 -3.59 3.08
CA THR B 153 2.08 -4.96 3.04
C THR B 153 1.27 -5.92 3.91
N GLU B 154 0.81 -5.45 5.07
CA GLU B 154 -0.08 -6.28 5.89
C GLU B 154 -1.34 -6.69 5.13
N MET B 155 -1.93 -5.75 4.41
CA MET B 155 -3.12 -6.07 3.62
C MET B 155 -2.82 -7.08 2.52
N TYR B 156 -1.67 -6.93 1.88
CA TYR B 156 -1.28 -7.88 0.85
C TYR B 156 -1.10 -9.29 1.44
N LEU B 157 -0.54 -9.36 2.64
CA LEU B 157 -0.38 -10.66 3.30
C LEU B 157 -1.71 -11.36 3.46
N GLU B 158 -2.73 -10.61 3.83
CA GLU B 158 -4.07 -11.18 3.95
C GLU B 158 -4.57 -11.68 2.60
N PHE B 159 -4.27 -10.96 1.52
CA PHE B 159 -4.62 -11.45 0.19
C PHE B 159 -3.95 -12.79 -0.12
N PHE B 160 -2.64 -12.90 0.08
CA PHE B 160 -1.97 -14.17 -0.24
C PHE B 160 -2.50 -15.33 0.59
N ALA B 161 -2.85 -15.06 1.84
CA ALA B 161 -3.43 -16.10 2.68
C ALA B 161 -4.78 -16.57 2.12
N ARG B 162 -5.64 -15.62 1.75
CA ARG B 162 -6.96 -15.97 1.22
C ARG B 162 -6.87 -16.63 -0.13
N GLU B 163 -5.93 -16.15 -0.96
CA GLU B 163 -5.83 -16.64 -2.33
C GLU B 163 -5.16 -18.01 -2.44
N TYR B 164 -4.15 -18.27 -1.61
CA TYR B 164 -3.34 -19.46 -1.75
C TYR B 164 -3.20 -20.30 -0.48
N GLY B 165 -3.71 -19.81 0.63
CA GLY B 165 -3.61 -20.58 1.86
C GLY B 165 -2.27 -20.43 2.54
N LEU B 166 -1.49 -19.41 2.15
CA LEU B 166 -0.23 -19.15 2.84
C LEU B 166 -0.56 -18.74 4.26
N LYS B 167 0.16 -19.29 5.24
CA LYS B 167 -0.05 -18.87 6.62
C LYS B 167 0.93 -17.75 6.93
N TYR B 168 0.50 -16.76 7.70
CA TYR B 168 1.41 -15.67 8.06
C TYR B 168 1.24 -15.24 9.51
N THR B 169 2.23 -14.52 10.03
CA THR B 169 2.02 -13.77 11.26
C THR B 169 2.65 -12.42 11.07
N VAL B 170 1.95 -11.37 11.51
CA VAL B 170 2.50 -10.02 11.49
C VAL B 170 2.89 -9.65 12.91
N LEU B 171 4.13 -9.18 13.07
CA LEU B 171 4.60 -8.72 14.39
C LEU B 171 4.84 -7.22 14.32
N ARG B 172 3.98 -6.44 14.97
CA ARG B 172 4.12 -4.97 15.02
C ARG B 172 4.98 -4.58 16.20
N TYR B 173 6.25 -4.29 15.95
CA TYR B 173 7.20 -4.00 17.02
C TYR B 173 6.97 -2.61 17.57
N ALA B 174 7.28 -2.44 18.85
CA ALA B 174 7.38 -1.13 19.46
C ALA B 174 8.75 -0.57 19.12
N ASN B 175 9.36 0.18 20.03
CA ASN B 175 10.68 0.73 19.74
C ASN B 175 11.79 -0.23 20.16
N VAL B 176 12.40 -0.90 19.17
CA VAL B 176 13.34 -1.98 19.45
C VAL B 176 14.77 -1.45 19.61
N TYR B 177 15.40 -1.79 20.71
CA TYR B 177 16.75 -1.29 20.97
C TYR B 177 17.64 -2.46 21.39
N GLY B 178 18.95 -2.26 21.29
CA GLY B 178 19.88 -3.28 21.76
C GLY B 178 21.17 -3.36 20.97
N PRO B 179 22.00 -4.35 21.30
CA PRO B 179 23.27 -4.58 20.60
C PRO B 179 23.09 -4.66 19.08
N ARG B 180 23.99 -4.01 18.35
CA ARG B 180 24.02 -3.94 16.88
C ARG B 180 23.10 -2.90 16.25
N GLN B 181 22.31 -2.19 17.04
CA GLN B 181 21.43 -1.22 16.40
C GLN B 181 22.21 -0.04 15.84
N ASP B 182 21.71 0.53 14.73
CA ASP B 182 22.24 1.79 14.22
C ASP B 182 21.42 2.98 14.76
N PRO B 183 21.83 4.22 14.47
CA PRO B 183 21.06 5.32 15.08
C PRO B 183 19.82 5.78 14.31
N TYR B 184 19.35 5.03 13.32
CA TYR B 184 18.33 5.55 12.40
C TYR B 184 16.94 4.93 12.50
N GLY B 185 16.84 3.82 13.23
CA GLY B 185 15.60 3.08 13.31
C GLY B 185 14.64 3.72 14.30
N GLU B 186 13.55 3.02 14.62
CA GLU B 186 12.52 3.63 15.46
C GLU B 186 12.97 3.90 16.88
N ALA B 187 13.95 3.13 17.37
CA ALA B 187 14.53 3.43 18.67
C ALA B 187 15.99 3.82 18.50
N GLY B 188 16.28 4.48 17.38
CA GLY B 188 17.62 4.94 17.08
C GLY B 188 18.18 5.80 18.21
N VAL B 189 17.29 6.47 18.93
CA VAL B 189 17.70 7.34 20.03
C VAL B 189 18.59 6.63 21.05
N VAL B 190 18.33 5.35 21.31
CA VAL B 190 19.13 4.62 22.30
C VAL B 190 20.61 4.52 21.89
N ALA B 191 20.85 4.22 20.62
CA ALA B 191 22.21 4.14 20.09
C ALA B 191 22.86 5.52 20.03
N ILE B 192 22.06 6.53 19.67
CA ILE B 192 22.58 7.89 19.62
C ILE B 192 23.03 8.37 21.00
N PHE B 193 22.14 8.26 21.98
CA PHE B 193 22.46 8.66 23.35
C PHE B 193 23.64 7.86 23.90
N THR B 194 23.65 6.56 23.66
CA THR B 194 24.69 5.71 24.23
C THR B 194 26.07 6.04 23.66
N GLU B 195 26.15 6.16 22.33
CA GLU B 195 27.44 6.39 21.69
C GLU B 195 27.99 7.75 22.10
N ARG B 196 27.13 8.77 22.09
CA ARG B 196 27.59 10.10 22.44
C ARG B 196 27.96 10.24 23.92
N MET B 197 27.22 9.58 24.80
CA MET B 197 27.54 9.64 26.22
C MET B 197 28.85 8.93 26.52
N LEU B 198 29.09 7.79 25.87
CA LEU B 198 30.35 7.07 26.07
C LEU B 198 31.55 7.86 25.57
N ARG B 199 31.32 8.70 24.56
CA ARG B 199 32.39 9.54 24.01
C ARG B 199 32.44 10.93 24.66
N GLY B 200 31.54 11.20 25.61
CA GLY B 200 31.51 12.48 26.29
C GLY B 200 31.11 13.64 25.40
N GLU B 201 30.39 13.35 24.33
CA GLU B 201 29.96 14.37 23.39
C GLU B 201 28.62 14.97 23.81
N GLU B 202 28.21 16.05 23.16
CA GLU B 202 26.92 16.68 23.43
C GLU B 202 25.80 15.73 23.02
N VAL B 203 24.72 15.66 23.81
CA VAL B 203 23.53 14.94 23.37
C VAL B 203 22.33 15.85 23.22
N HIS B 204 21.62 15.68 22.11
CA HIS B 204 20.52 16.54 21.71
C HIS B 204 19.18 15.89 22.06
N ILE B 205 18.30 16.64 22.71
CA ILE B 205 16.92 16.20 22.91
C ILE B 205 15.99 17.14 22.13
N PHE B 206 15.11 16.57 21.31
CA PHE B 206 14.23 17.39 20.46
C PHE B 206 12.98 17.86 21.19
N GLY B 207 12.63 19.12 20.99
CA GLY B 207 11.45 19.68 21.64
C GLY B 207 11.57 19.58 23.14
N ASP B 208 10.49 19.15 23.80
CA ASP B 208 10.48 19.13 25.26
C ASP B 208 10.92 17.79 25.87
N GLY B 209 11.25 16.82 25.04
CA GLY B 209 11.72 15.53 25.54
C GLY B 209 10.61 14.67 26.14
N GLU B 210 9.37 15.14 26.03
CA GLU B 210 8.23 14.46 26.64
C GLU B 210 7.58 13.42 25.72
N TYR B 211 8.19 13.15 24.57
CA TYR B 211 7.69 12.12 23.68
C TYR B 211 7.82 10.75 24.34
N VAL B 212 6.73 9.99 24.36
CA VAL B 212 6.69 8.72 25.09
C VAL B 212 6.75 7.56 24.11
N ARG B 213 7.63 6.60 24.38
CA ARG B 213 7.77 5.43 23.53
C ARG B 213 7.79 4.19 24.39
N ASP B 214 7.63 3.05 23.74
CA ASP B 214 7.59 1.76 24.42
C ASP B 214 8.83 1.03 23.96
N TYR B 215 9.85 0.98 24.82
CA TYR B 215 11.15 0.42 24.44
C TYR B 215 11.24 -1.06 24.76
N VAL B 216 11.39 -1.87 23.70
CA VAL B 216 11.41 -3.33 23.81
C VAL B 216 12.78 -3.89 23.39
N TYR B 217 13.34 -4.77 24.22
CA TYR B 217 14.70 -5.24 23.98
C TYR B 217 14.75 -6.26 22.83
N VAL B 218 15.79 -6.18 22.03
CA VAL B 218 15.87 -6.99 20.80
C VAL B 218 15.74 -8.50 21.06
N ASP B 219 16.32 -9.00 22.15
CA ASP B 219 16.25 -10.44 22.43
C ASP B 219 14.80 -10.88 22.64
N ASP B 220 13.99 -10.01 23.21
CA ASP B 220 12.58 -10.32 23.38
C ASP B 220 11.86 -10.36 22.04
N VAL B 221 12.22 -9.42 21.16
CA VAL B 221 11.63 -9.39 19.81
C VAL B 221 11.99 -10.68 19.05
N VAL B 222 13.22 -11.13 19.19
CA VAL B 222 13.65 -12.36 18.54
C VAL B 222 12.84 -13.56 19.03
N ARG B 223 12.56 -13.61 20.34
CA ARG B 223 11.75 -14.70 20.89
C ARG B 223 10.33 -14.70 20.30
N ALA B 224 9.76 -13.52 20.08
CA ALA B 224 8.45 -13.44 19.44
C ALA B 224 8.49 -14.01 18.03
N ASN B 225 9.55 -13.72 17.30
CA ASN B 225 9.71 -14.30 15.97
C ASN B 225 9.73 -15.83 16.01
N LEU B 226 10.48 -16.41 16.93
CA LEU B 226 10.52 -17.86 17.01
C LEU B 226 9.18 -18.48 17.45
N LEU B 227 8.47 -17.82 18.36
CA LEU B 227 7.18 -18.35 18.80
C LEU B 227 6.16 -18.33 17.67
N ALA B 228 6.35 -17.39 16.74
CA ALA B 228 5.43 -17.27 15.62
C ALA B 228 5.61 -18.37 14.56
N MET B 229 6.62 -19.22 14.72
CA MET B 229 6.77 -20.34 13.79
C MET B 229 5.61 -21.33 13.90
N GLU B 230 5.24 -21.70 15.12
CA GLU B 230 4.18 -22.71 15.32
C GLU B 230 2.84 -22.16 15.80
N LYS B 231 2.81 -20.91 16.27
CA LYS B 231 1.59 -20.33 16.83
C LYS B 231 1.22 -19.03 16.12
N GLY B 232 -0.02 -18.59 16.30
CA GLY B 232 -0.45 -17.29 15.81
C GLY B 232 -0.69 -17.21 14.30
N ASP B 233 -1.08 -18.33 13.69
CA ASP B 233 -1.37 -18.34 12.26
C ASP B 233 -2.40 -17.29 11.87
N ASN B 234 -2.06 -16.50 10.85
CA ASN B 234 -2.93 -15.46 10.28
C ASN B 234 -3.41 -14.39 11.26
N GLU B 235 -2.54 -14.00 12.19
CA GLU B 235 -2.86 -13.03 13.21
C GLU B 235 -1.86 -11.87 13.18
N VAL B 236 -2.33 -10.70 13.62
CA VAL B 236 -1.46 -9.52 13.81
C VAL B 236 -1.23 -9.32 15.32
N PHE B 237 0.03 -9.17 15.74
CA PHE B 237 0.35 -9.00 17.16
C PHE B 237 1.20 -7.78 17.43
N ASN B 238 0.80 -6.96 18.38
CA ASN B 238 1.71 -5.95 18.93
C ASN B 238 2.78 -6.69 19.72
N ILE B 239 4.04 -6.27 19.57
CA ILE B 239 5.16 -6.80 20.34
C ILE B 239 5.83 -5.60 21.01
N GLY B 240 5.48 -5.39 22.28
CA GLY B 240 6.01 -4.28 23.06
C GLY B 240 5.94 -4.61 24.54
N THR B 241 6.25 -3.65 25.40
CA THR B 241 6.28 -3.91 26.84
C THR B 241 5.06 -3.37 27.58
N GLY B 242 4.27 -2.53 26.92
CA GLY B 242 3.12 -1.93 27.57
C GLY B 242 3.46 -0.82 28.56
N ARG B 243 4.72 -0.42 28.58
CA ARG B 243 5.19 0.64 29.46
C ARG B 243 5.77 1.79 28.67
N GLY B 244 5.38 3.02 29.03
CA GLY B 244 5.89 4.20 28.33
C GLY B 244 7.04 4.87 29.04
N THR B 245 7.97 5.39 28.25
CA THR B 245 9.14 6.10 28.77
C THR B 245 9.34 7.37 27.95
N THR B 246 9.50 8.51 28.62
CA THR B 246 9.79 9.76 27.89
C THR B 246 11.24 9.77 27.43
N VAL B 247 11.54 10.62 26.46
CA VAL B 247 12.95 10.78 26.06
C VAL B 247 13.78 11.31 27.24
N ASN B 248 13.20 12.22 28.03
CA ASN B 248 13.90 12.73 29.22
C ASN B 248 14.26 11.60 30.20
N GLN B 249 13.34 10.66 30.38
CA GLN B 249 13.63 9.56 31.30
C GLN B 249 14.67 8.61 30.72
N LEU B 250 14.61 8.37 29.41
CA LEU B 250 15.62 7.56 28.75
C LEU B 250 16.99 8.19 28.94
N PHE B 251 17.05 9.52 28.77
CA PHE B 251 18.30 10.24 28.98
C PHE B 251 18.81 10.03 30.41
N LYS B 252 17.92 10.18 31.39
CA LYS B 252 18.31 9.97 32.79
C LYS B 252 18.85 8.58 33.07
N LEU B 253 18.20 7.57 32.50
CA LEU B 253 18.62 6.19 32.72
C LEU B 253 20.00 5.93 32.13
N LEU B 254 20.20 6.36 30.89
CA LEU B 254 21.47 6.14 30.22
C LEU B 254 22.58 6.99 30.85
N LYS B 255 22.22 8.16 31.35
CA LYS B 255 23.20 9.03 32.02
C LYS B 255 23.75 8.31 33.25
N GLU B 256 22.86 7.70 34.02
CA GLU B 256 23.21 6.97 35.23
C GLU B 256 24.13 5.78 34.90
N ILE B 257 23.75 4.99 33.90
CA ILE B 257 24.51 3.83 33.48
C ILE B 257 25.89 4.18 32.91
N THR B 258 25.98 5.21 32.07
CA THR B 258 27.25 5.54 31.42
C THR B 258 28.16 6.40 32.31
N GLY B 259 27.58 7.05 33.31
CA GLY B 259 28.33 7.99 34.14
C GLY B 259 28.56 9.30 33.42
N TYR B 260 27.72 9.58 32.42
CA TYR B 260 27.79 10.83 31.67
C TYR B 260 27.62 11.99 32.62
N ASP B 261 28.41 13.05 32.41
CA ASP B 261 28.47 14.15 33.38
C ASP B 261 27.94 15.50 32.88
N LYS B 262 27.16 15.49 31.80
CA LYS B 262 26.65 16.73 31.22
C LYS B 262 25.13 16.81 31.15
N GLU B 263 24.62 18.00 30.91
CA GLU B 263 23.19 18.22 30.69
C GLU B 263 22.92 18.12 29.19
N PRO B 264 21.69 17.74 28.82
CA PRO B 264 21.42 17.66 27.38
C PRO B 264 21.26 19.05 26.77
N VAL B 265 21.43 19.11 25.45
CA VAL B 265 21.18 20.33 24.70
C VAL B 265 19.87 20.14 23.96
N TYR B 266 18.95 21.08 24.13
CA TYR B 266 17.64 20.95 23.52
C TYR B 266 17.66 21.57 22.13
N LYS B 267 16.97 20.92 21.21
CA LYS B 267 16.89 21.37 19.82
C LYS B 267 15.43 21.56 19.48
N PRO B 268 15.13 22.19 18.33
CA PRO B 268 13.72 22.36 17.99
C PRO B 268 13.01 21.02 17.76
N PRO B 269 11.68 20.99 17.94
CA PRO B 269 10.92 19.75 17.69
C PRO B 269 10.95 19.28 16.24
N ARG B 270 10.91 17.96 16.05
CA ARG B 270 10.87 17.35 14.72
C ARG B 270 9.44 17.31 14.18
N LYS B 271 9.27 17.65 12.91
CA LYS B 271 7.96 17.54 12.28
C LYS B 271 7.57 16.06 12.19
N GLY B 272 6.37 15.73 12.64
CA GLY B 272 5.86 14.39 12.47
C GLY B 272 6.20 13.40 13.57
N ASP B 273 6.77 13.90 14.67
CA ASP B 273 7.04 13.06 15.84
C ASP B 273 5.73 12.78 16.57
N VAL B 274 5.25 11.54 16.53
CA VAL B 274 4.04 11.22 17.29
C VAL B 274 4.33 11.40 18.78
N ARG B 275 3.33 11.90 19.50
CA ARG B 275 3.52 12.32 20.87
C ARG B 275 3.67 11.13 21.82
N LYS B 276 2.98 10.04 21.53
CA LYS B 276 2.94 8.93 22.45
C LYS B 276 2.62 7.64 21.74
N SER B 277 3.42 6.62 22.02
CA SER B 277 3.18 5.27 21.53
C SER B 277 3.45 4.28 22.66
N ILE B 278 2.44 3.53 23.05
CA ILE B 278 2.59 2.43 24.02
C ILE B 278 1.73 1.26 23.54
N LEU B 279 2.33 0.08 23.38
CA LEU B 279 1.60 -1.05 22.79
C LEU B 279 1.08 -2.04 23.83
N ASP B 280 -0.16 -2.49 23.64
CA ASP B 280 -0.77 -3.55 24.47
C ASP B 280 -0.37 -4.91 23.89
N TYR B 281 0.35 -5.72 24.67
CA TYR B 281 0.80 -7.02 24.17
C TYR B 281 -0.03 -8.20 24.67
N THR B 282 -1.23 -7.92 25.16
CA THR B 282 -2.09 -8.96 25.72
C THR B 282 -2.36 -10.10 24.74
N LYS B 283 -2.63 -9.76 23.48
CA LYS B 283 -2.95 -10.76 22.47
C LYS B 283 -1.77 -11.71 22.24
N ALA B 284 -0.56 -11.16 22.17
CA ALA B 284 0.63 -11.99 22.00
C ALA B 284 0.88 -12.86 23.22
N LYS B 285 0.62 -12.31 24.40
CA LYS B 285 0.76 -13.09 25.63
C LYS B 285 -0.15 -14.31 25.61
N GLU B 286 -1.37 -14.10 25.14
CA GLU B 286 -2.39 -15.15 25.11
C GLU B 286 -2.16 -16.17 24.00
N LYS B 287 -1.89 -15.70 22.79
CA LYS B 287 -1.82 -16.59 21.64
C LYS B 287 -0.43 -17.11 21.29
N LEU B 288 0.61 -16.30 21.52
CA LEU B 288 1.97 -16.75 21.26
C LEU B 288 2.62 -17.26 22.54
N GLY B 289 2.05 -16.89 23.68
CA GLY B 289 2.69 -17.15 24.95
C GLY B 289 3.90 -16.25 25.16
N TRP B 290 3.87 -15.08 24.56
CA TRP B 290 5.01 -14.17 24.62
C TRP B 290 4.86 -13.08 25.66
N GLU B 291 5.96 -12.81 26.37
CA GLU B 291 6.05 -11.61 27.20
C GLU B 291 7.50 -11.20 27.28
N PRO B 292 7.78 -9.91 27.56
CA PRO B 292 9.18 -9.49 27.66
C PRO B 292 9.88 -10.12 28.86
N LYS B 293 11.13 -10.52 28.68
CA LYS B 293 11.89 -11.10 29.77
C LYS B 293 12.97 -10.16 30.27
N VAL B 294 13.23 -9.11 29.50
CA VAL B 294 14.29 -8.17 29.82
C VAL B 294 13.72 -6.82 30.19
N SER B 295 13.98 -6.36 31.42
CA SER B 295 13.45 -5.07 31.84
C SER B 295 14.22 -3.98 31.10
N LEU B 296 13.67 -2.76 31.07
CA LEU B 296 14.34 -1.68 30.38
C LEU B 296 15.70 -1.39 31.01
N GLU B 297 15.78 -1.44 32.34
CA GLU B 297 17.04 -1.18 33.03
C GLU B 297 18.12 -2.18 32.61
N GLU B 298 17.73 -3.44 32.60
CA GLU B 298 18.61 -4.54 32.22
C GLU B 298 19.04 -4.44 30.76
N GLY B 299 18.09 -4.15 29.88
CA GLY B 299 18.37 -4.06 28.47
C GLY B 299 19.29 -2.91 28.13
N LEU B 300 19.07 -1.77 28.79
CA LEU B 300 19.95 -0.63 28.56
C LEU B 300 21.39 -0.93 28.98
N LYS B 301 21.55 -1.66 30.08
CA LYS B 301 22.89 -2.02 30.53
C LYS B 301 23.61 -2.92 29.52
N LEU B 302 22.88 -3.91 29.00
CA LEU B 302 23.43 -4.81 27.98
C LEU B 302 23.80 -4.04 26.72
N THR B 303 23.01 -3.01 26.42
CA THR B 303 23.23 -2.22 25.22
C THR B 303 24.51 -1.38 25.40
N VAL B 304 24.63 -0.76 26.57
CA VAL B 304 25.81 0.04 26.88
C VAL B 304 27.06 -0.84 26.83
N GLU B 305 26.97 -2.05 27.38
CA GLU B 305 28.06 -3.03 27.30
C GLU B 305 28.54 -3.28 25.87
N TYR B 306 27.61 -3.55 24.95
CA TYR B 306 27.95 -3.73 23.54
C TYR B 306 28.67 -2.52 22.95
N PHE B 307 28.16 -1.32 23.21
CA PHE B 307 28.77 -0.14 22.62
C PHE B 307 30.18 0.16 23.15
N ARG B 308 30.42 -0.17 24.42
CA ARG B 308 31.74 -0.03 25.03
C ARG B 308 32.77 -0.88 24.31
N LYS B 309 32.44 -2.16 24.13
CA LYS B 309 33.31 -3.12 23.46
C LYS B 309 33.59 -2.70 22.04
N THR B 310 32.65 -1.93 21.49
CA THR B 310 32.56 -1.70 20.08
C THR B 310 32.81 -0.22 19.74
PA NAD C . -7.64 1.75 -19.07
O1A NAD C . -6.77 0.50 -19.08
O2A NAD C . -8.38 1.78 -20.35
O5B NAD C . -6.80 3.06 -18.81
C5B NAD C . -5.54 2.98 -18.21
C4B NAD C . -4.48 3.62 -19.06
O4B NAD C . -3.32 3.70 -18.33
C3B NAD C . -4.20 2.78 -20.26
O3B NAD C . -4.31 3.55 -21.41
C2B NAD C . -2.87 2.27 -20.09
O2B NAD C . -2.17 2.17 -21.29
C1B NAD C . -2.25 3.26 -19.20
N9A NAD C . -1.17 2.77 -18.38
C8A NAD C . -1.12 1.62 -17.67
N7A NAD C . 0.07 1.56 -17.01
C5A NAD C . 0.78 2.71 -17.33
C6A NAD C . 2.10 3.23 -16.97
N6A NAD C . 2.97 2.48 -16.07
N1A NAD C . 2.50 4.40 -17.45
C2A NAD C . 1.70 5.13 -18.28
N3A NAD C . 0.47 4.68 -18.65
C4A NAD C . 0.01 3.47 -18.18
O3 NAD C . -8.62 1.60 -17.84
PN NAD C . -9.75 2.58 -17.42
O1N NAD C . -9.94 3.71 -18.41
O2N NAD C . -11.03 1.81 -17.30
O5D NAD C . -9.40 3.13 -15.97
C5D NAD C . -8.93 4.42 -15.74
C4D NAD C . -8.75 4.74 -14.32
O4D NAD C . -10.03 4.60 -13.70
C3D NAD C . -7.87 3.78 -13.63
O3D NAD C . -7.18 4.39 -12.59
C2D NAD C . -8.74 2.77 -13.08
O2D NAD C . -8.24 2.13 -11.99
C1D NAD C . -9.93 3.58 -12.70
N1N NAD C . -11.28 2.84 -12.44
C2N NAD C . -11.90 2.30 -13.49
C3N NAD C . -13.12 1.60 -13.29
C7N NAD C . -13.85 0.99 -14.43
O7N NAD C . -14.90 0.46 -14.22
N7N NAD C . -13.32 1.00 -15.77
C4N NAD C . -13.66 1.52 -12.00
C5N NAD C . -12.99 2.10 -10.92
C6N NAD C . -11.79 2.76 -11.18
C1 GOL D . -30.27 9.78 -13.83
O1 GOL D . -31.34 9.97 -14.75
C2 GOL D . -30.39 8.41 -13.16
O2 GOL D . -31.08 7.51 -14.00
C3 GOL D . -28.97 7.89 -12.88
O3 GOL D . -29.02 6.55 -12.42
C1 GOL E . -7.23 -3.59 -19.30
O1 GOL E . -6.16 -3.94 -18.45
C2 GOL E . -7.84 -2.32 -18.74
O2 GOL E . -8.22 -1.43 -19.77
C3 GOL E . -9.05 -2.63 -17.90
O3 GOL E . -10.18 -2.59 -18.75
PA NAD F . 17.88 -2.63 9.68
O1A NAD F . 19.11 -2.76 10.57
O2A NAD F . 18.07 -1.50 8.73
O5B NAD F . 17.59 -4.00 8.95
C5B NAD F . 17.10 -4.03 7.64
C4B NAD F . 17.94 -4.85 6.72
O4B NAD F . 17.29 -4.93 5.51
C3B NAD F . 19.26 -4.19 6.47
O3B NAD F . 20.29 -5.09 6.79
C2B NAD F . 19.26 -3.85 5.07
O2B NAD F . 20.52 -3.91 4.46
C1B NAD F . 18.30 -4.81 4.50
N9A NAD F . 17.65 -4.34 3.28
C8A NAD F . 17.10 -3.12 3.05
N7A NAD F . 16.58 -3.10 1.78
C5A NAD F . 16.81 -4.35 1.22
C6A NAD F . 16.53 -4.96 -0.09
N6A NAD F . 15.83 -4.18 -1.09
N1A NAD F . 16.88 -6.22 -0.33
C2A NAD F . 17.54 -6.96 0.62
N3A NAD F . 17.84 -6.43 1.86
C4A NAD F . 17.48 -5.14 2.15
O3 NAD F . 16.58 -2.29 10.49
PN NAD F . 16.00 -3.10 11.70
O1N NAD F . 16.78 -4.33 12.09
O2N NAD F . 15.89 -2.18 12.87
O5D NAD F . 14.52 -3.48 11.27
C5D NAD F . 14.18 -4.76 10.89
C4D NAD F . 12.75 -4.91 10.59
O4D NAD F . 12.04 -4.60 11.80
C3D NAD F . 12.28 -3.97 9.57
O3D NAD F . 11.24 -4.54 8.86
C2D NAD F . 11.77 -2.83 10.32
O2D NAD F . 10.81 -2.13 9.65
C1D NAD F . 11.18 -3.50 11.52
N1N NAD F . 10.94 -2.59 12.77
C2N NAD F . 12.01 -2.15 13.42
C3N NAD F . 11.86 -1.32 14.56
C7N NAD F . 13.03 -0.81 15.31
O7N NAD F . 14.18 -1.05 14.98
N7N NAD F . 12.76 -0.01 16.47
C4N NAD F . 10.54 -1.00 14.98
C5N NAD F . 9.44 -1.49 14.28
C6N NAD F . 9.67 -2.29 13.16
C1 GOL G . 17.01 1.81 8.01
O1 GOL G . 16.65 0.59 7.40
C2 GOL G . 18.28 1.62 8.84
O2 GOL G . 18.98 2.83 8.97
C3 GOL G . 17.91 1.10 10.23
O3 GOL G . 17.47 2.17 11.04
#